data_6G83
#
_entry.id   6G83
#
_cell.length_a   78.164
_cell.length_b   84.024
_cell.length_c   81.666
_cell.angle_alpha   90.00
_cell.angle_beta   103.98
_cell.angle_gamma   90.00
#
_symmetry.space_group_name_H-M   'P 1 21 1'
#
loop_
_entity.id
_entity.type
_entity.pdbx_description
1 polymer 'Decaprenylphosphoryl-beta-D-ribose oxidase'
2 non-polymer 'FLAVIN-ADENINE DINUCLEOTIDE'
3 non-polymer [2-(4-cyclohexylsulfonylpiperazin-1-yl)-4-oxidanylidene-6-(trifluoromethyl)-1,3-benzothiazin-8-yl]-oxidanylidene-azanium
4 water water
#
_entity_poly.entity_id   1
_entity_poly.type   'polypeptide(L)'
_entity_poly.pdbx_seq_one_letter_code
;MGSSHHHHHHSSGLVPRGSHMLSVGATTTATRLTGWGRTAPSVANVLRTPDAEMIVKAVARVAESGGGRGAIARGLGRSY
GDNAQNGGGLVIDMTPLNTIHSIDADTKLVDIDAGVNLDQLMKAALPFGLWVPVLPGTRQVTVGGAIACDIHGKNHHSAG
SFGNHVRSMDLLTADGEIRHLTPTGEDAELFWATVGGNGLTGIIMRATIEMTPTSTAYFIADGDVTASLDETIALHSDGS
EARYTYSSAWFDAISAPPKLGRAAVSRGRLATVEQLPAKLRSEPLKFDAPQLLTLPDVFPNGLANKYTFGPIGELWYRKS
GTYRGKVQNLTQFYHPLDMFGEWNRAYGPAGFLQYQFVIPTEAVDEFKKIIGVIQASGHYSFLNVFKLFGPRNQAPLSFP
IPGWNICVDFPIKDGLGKFVSELDRRVLEFGGRLYTAKDSRTTAETFHAMYPRVDEWISVRRKVDPLRVFASDMARRLEL
L
;
_entity_poly.pdbx_strand_id   A,B
#
loop_
_chem_comp.id
_chem_comp.type
_chem_comp.name
_chem_comp.formula
EQ8 non-polymer [2-(4-cyclohexylsulfonylpiperazin-1-yl)-4-oxidanylidene-6-(trifluoromethyl)-1,3-benzothiazin-8-yl]-oxidanylidene-azanium 'C19 H22 F3 N4 O4 S2 1'
FAD non-polymer 'FLAVIN-ADENINE DINUCLEOTIDE' 'C27 H33 N9 O15 P2'
#
# COMPACT_ATOMS: atom_id res chain seq x y z
N THR A 28 30.55 1.83 -10.05
CA THR A 28 31.19 3.08 -9.71
C THR A 28 31.39 3.96 -10.94
N THR A 29 31.13 5.25 -10.80
CA THR A 29 31.11 6.17 -11.94
C THR A 29 31.52 7.56 -11.48
N ALA A 30 32.62 8.09 -12.01
CA ALA A 30 32.97 9.49 -11.77
C ALA A 30 31.85 10.39 -12.28
N THR A 31 31.23 11.15 -11.37
CA THR A 31 30.10 12.01 -11.70
C THR A 31 30.27 13.37 -11.03
N ARG A 32 29.63 14.39 -11.63
CA ARG A 32 29.59 15.74 -11.08
C ARG A 32 28.28 15.93 -10.31
N LEU A 33 28.38 16.11 -9.00
CA LEU A 33 27.22 16.21 -8.13
C LEU A 33 26.95 17.66 -7.76
N THR A 34 25.67 17.96 -7.51
CA THR A 34 25.26 19.23 -6.94
C THR A 34 24.01 19.00 -6.10
N GLY A 35 23.76 19.91 -5.17
CA GLY A 35 22.48 19.98 -4.50
C GLY A 35 21.41 20.53 -5.43
N TRP A 36 20.17 20.53 -4.93
CA TRP A 36 19.03 20.99 -5.73
C TRP A 36 19.27 22.37 -6.32
N GLY A 37 19.93 23.25 -5.55
CA GLY A 37 20.25 24.58 -6.00
C GLY A 37 21.32 24.66 -7.07
N ARG A 38 21.85 23.51 -7.48
CA ARG A 38 22.78 23.44 -8.61
C ARG A 38 23.92 24.44 -8.44
N THR A 39 24.58 24.35 -7.28
CA THR A 39 25.70 25.20 -6.96
C THR A 39 26.75 24.37 -6.23
N ALA A 40 27.99 24.85 -6.26
CA ALA A 40 29.08 24.14 -5.62
C ALA A 40 29.21 22.73 -6.16
N PRO A 41 29.47 22.57 -7.46
CA PRO A 41 29.63 21.22 -8.02
C PRO A 41 31.01 20.65 -7.72
N SER A 42 31.03 19.35 -7.38
CA SER A 42 32.27 18.60 -7.27
C SER A 42 32.05 17.23 -7.92
N VAL A 43 33.16 16.60 -8.31
CA VAL A 43 33.12 15.28 -8.96
C VAL A 43 33.42 14.22 -7.92
N ALA A 44 32.70 13.10 -7.99
CA ALA A 44 32.90 12.02 -7.04
C ALA A 44 32.66 10.68 -7.73
N ASN A 45 33.09 9.62 -7.06
CA ASN A 45 32.90 8.25 -7.54
C ASN A 45 31.58 7.73 -6.98
N VAL A 46 30.54 7.72 -7.80
CA VAL A 46 29.20 7.41 -7.32
C VAL A 46 28.97 5.91 -7.43
N LEU A 47 28.94 5.24 -6.28
CA LEU A 47 28.54 3.84 -6.23
C LEU A 47 27.02 3.73 -6.17
N ARG A 48 26.46 2.91 -7.06
CA ARG A 48 25.01 2.70 -7.09
C ARG A 48 24.74 1.20 -7.25
N THR A 49 24.32 0.55 -6.17
CA THR A 49 24.01 -0.86 -6.18
C THR A 49 22.83 -1.12 -5.27
N PRO A 50 21.98 -2.10 -5.61
CA PRO A 50 20.94 -2.54 -4.67
C PRO A 50 21.42 -3.58 -3.66
N ASP A 51 22.69 -3.99 -3.73
CA ASP A 51 23.24 -5.03 -2.85
C ASP A 51 23.87 -4.35 -1.64
N ALA A 52 23.25 -4.49 -0.47
CA ALA A 52 23.80 -3.88 0.74
C ALA A 52 25.22 -4.36 0.99
N GLU A 53 25.50 -5.65 0.74
CA GLU A 53 26.82 -6.19 1.03
C GLU A 53 27.90 -5.41 0.30
N MET A 54 27.66 -5.05 -0.97
CA MET A 54 28.65 -4.24 -1.69
C MET A 54 28.85 -2.89 -1.03
N ILE A 55 27.80 -2.34 -0.41
CA ILE A 55 27.96 -1.10 0.33
C ILE A 55 28.80 -1.33 1.57
N VAL A 56 28.65 -2.48 2.21
CA VAL A 56 29.45 -2.80 3.38
C VAL A 56 30.92 -2.89 3.00
N LYS A 57 31.23 -3.62 1.92
CA LYS A 57 32.61 -3.69 1.46
C LYS A 57 33.14 -2.30 1.13
N ALA A 58 32.42 -1.56 0.27
CA ALA A 58 32.88 -0.24 -0.15
C ALA A 58 33.34 0.60 1.03
N VAL A 59 32.62 0.54 2.15
CA VAL A 59 33.04 1.26 3.34
C VAL A 59 34.30 0.63 3.93
N ALA A 60 34.38 -0.70 3.94
CA ALA A 60 35.55 -1.36 4.49
C ALA A 60 36.79 -1.12 3.63
N ARG A 61 36.61 -0.88 2.33
CA ARG A 61 37.74 -0.55 1.48
C ARG A 61 38.23 0.86 1.77
N VAL A 62 37.31 1.77 2.07
CA VAL A 62 37.71 3.15 2.40
C VAL A 62 38.34 3.20 3.79
N ALA A 63 37.78 2.47 4.76
CA ALA A 63 38.31 2.52 6.11
C ALA A 63 39.69 1.89 6.22
N GLU A 64 40.05 1.00 5.29
CA GLU A 64 41.37 0.39 5.30
C GLU A 64 42.42 1.32 4.69
N SER A 65 42.03 2.09 3.67
CA SER A 65 42.95 2.95 2.93
C SER A 65 43.14 4.31 3.58
N GLY A 66 43.01 4.39 4.90
CA GLY A 66 43.00 5.67 5.58
C GLY A 66 41.66 6.36 5.40
N GLY A 67 41.63 7.64 5.80
CA GLY A 67 40.49 8.47 5.49
C GLY A 67 40.34 8.61 3.99
N GLY A 68 41.34 9.24 3.37
CA GLY A 68 41.41 9.35 1.93
C GLY A 68 40.14 9.89 1.31
N ARG A 69 39.71 11.07 1.76
CA ARG A 69 38.53 11.75 1.25
C ARG A 69 37.22 11.05 1.57
N GLY A 70 37.29 9.81 2.06
CA GLY A 70 36.11 9.18 2.64
C GLY A 70 34.89 9.08 1.74
N ALA A 71 33.75 8.79 2.37
CA ALA A 71 32.51 8.51 1.66
C ALA A 71 31.34 9.21 2.33
N ILE A 72 30.27 9.40 1.56
CA ILE A 72 29.05 10.00 2.07
C ILE A 72 27.87 9.41 1.34
N ALA A 73 26.80 9.15 2.07
CA ALA A 73 25.57 8.65 1.45
C ALA A 73 24.86 9.78 0.72
N ARG A 74 24.11 9.39 -0.31
CA ARG A 74 23.25 10.32 -1.03
C ARG A 74 21.87 9.70 -1.18
N GLY A 75 20.84 10.53 -1.04
CA GLY A 75 19.48 10.11 -1.29
C GLY A 75 18.99 10.60 -2.63
N LEU A 76 17.91 11.37 -2.62
CA LEU A 76 17.32 11.91 -3.84
C LEU A 76 17.82 13.31 -4.18
N GLY A 77 18.89 13.77 -3.53
CA GLY A 77 19.53 15.02 -3.91
C GLY A 77 18.65 16.24 -3.73
N ARG A 78 17.75 16.23 -2.76
CA ARG A 78 16.86 17.37 -2.56
C ARG A 78 17.43 18.41 -1.60
N SER A 79 18.50 18.11 -0.87
CA SER A 79 19.20 19.17 -0.15
C SER A 79 19.77 20.15 -1.17
N TYR A 80 19.56 21.45 -0.93
CA TYR A 80 20.17 22.47 -1.77
C TYR A 80 21.67 22.50 -1.56
N GLY A 81 22.13 22.10 -0.39
CA GLY A 81 23.51 22.29 0.00
C GLY A 81 24.47 21.27 -0.58
N ASP A 82 25.65 21.22 0.04
CA ASP A 82 26.73 20.31 -0.33
C ASP A 82 26.89 19.17 0.66
N ASN A 83 25.84 18.83 1.40
CA ASN A 83 25.96 17.76 2.40
C ASN A 83 25.97 16.39 1.76
N ALA A 84 25.48 16.25 0.53
CA ALA A 84 25.40 14.96 -0.15
C ALA A 84 26.40 14.84 -1.29
N GLN A 85 27.52 15.56 -1.22
CA GLN A 85 28.57 15.43 -2.20
C GLN A 85 29.91 15.37 -1.50
N ASN A 86 30.91 14.87 -2.23
CA ASN A 86 32.19 14.58 -1.59
C ASN A 86 33.27 14.64 -2.68
N GLY A 87 33.58 15.88 -3.08
CA GLY A 87 34.60 16.11 -4.08
C GLY A 87 35.84 15.27 -3.89
N GLY A 88 36.16 14.45 -4.90
CA GLY A 88 37.34 13.62 -4.83
C GLY A 88 37.21 12.42 -3.94
N GLY A 89 35.99 12.00 -3.61
CA GLY A 89 35.80 10.84 -2.78
C GLY A 89 34.60 10.03 -3.22
N LEU A 90 34.06 9.21 -2.32
CA LEU A 90 33.00 8.28 -2.67
C LEU A 90 31.65 8.84 -2.25
N VAL A 91 30.68 8.71 -3.17
CA VAL A 91 29.29 9.07 -2.92
C VAL A 91 28.45 7.83 -3.22
N ILE A 92 27.80 7.30 -2.19
CA ILE A 92 27.02 6.08 -2.34
C ILE A 92 25.57 6.48 -2.57
N ASP A 93 25.06 6.19 -3.76
CA ASP A 93 23.65 6.41 -4.07
C ASP A 93 22.79 5.36 -3.37
N MET A 94 21.95 5.80 -2.44
CA MET A 94 21.20 4.88 -1.60
C MET A 94 19.82 4.54 -2.16
N THR A 95 19.40 5.16 -3.24
CA THR A 95 18.05 4.99 -3.73
C THR A 95 17.73 3.60 -4.27
N PRO A 96 18.71 2.85 -4.77
CA PRO A 96 18.41 1.47 -5.20
C PRO A 96 17.85 0.63 -4.06
N LEU A 97 18.20 0.97 -2.81
CA LEU A 97 17.93 0.14 -1.65
C LEU A 97 16.61 0.56 -1.01
N ASN A 98 15.51 0.20 -1.69
CA ASN A 98 14.23 0.85 -1.45
C ASN A 98 13.15 -0.17 -1.12
N THR A 99 13.49 -1.25 -0.43
CA THR A 99 12.53 -2.27 -0.07
C THR A 99 11.77 -1.87 1.17
N ILE A 100 10.44 -1.93 1.07
CA ILE A 100 9.54 -1.87 2.23
C ILE A 100 9.39 -3.30 2.74
N HIS A 101 9.93 -3.55 3.92
CA HIS A 101 9.95 -4.91 4.45
C HIS A 101 8.64 -5.29 5.10
N SER A 102 8.07 -4.40 5.92
CA SER A 102 6.78 -4.68 6.51
C SER A 102 6.10 -3.38 6.92
N ILE A 103 4.78 -3.40 6.87
CA ILE A 103 3.93 -2.41 7.51
C ILE A 103 2.94 -3.14 8.41
N ASP A 104 2.65 -2.56 9.56
CA ASP A 104 1.78 -3.18 10.57
C ASP A 104 0.85 -2.11 11.11
N ALA A 105 -0.45 -2.27 10.89
CA ALA A 105 -1.43 -1.29 11.35
C ALA A 105 -1.70 -1.38 12.85
N ASP A 106 -1.35 -2.47 13.50
CA ASP A 106 -1.62 -2.60 14.93
C ASP A 106 -0.53 -1.95 15.78
N THR A 107 0.72 -2.15 15.38
CA THR A 107 1.85 -1.48 16.01
C THR A 107 2.06 -0.09 15.45
N LYS A 108 1.57 0.17 14.23
CA LYS A 108 1.79 1.43 13.52
C LYS A 108 3.22 1.59 13.01
N LEU A 109 3.92 0.47 12.87
CA LEU A 109 5.33 0.47 12.51
C LEU A 109 5.51 0.05 11.06
N VAL A 110 6.38 0.76 10.37
CA VAL A 110 6.86 0.37 9.06
C VAL A 110 8.36 0.10 9.17
N ASP A 111 8.82 -0.89 8.42
CA ASP A 111 10.22 -1.33 8.41
C ASP A 111 10.69 -1.21 6.97
N ILE A 112 11.62 -0.29 6.72
CA ILE A 112 11.90 0.15 5.36
C ILE A 112 13.40 0.35 5.20
N ASP A 113 13.90 0.02 4.02
CA ASP A 113 15.26 0.35 3.64
C ASP A 113 15.41 1.88 3.51
N ALA A 114 16.66 2.36 3.63
CA ALA A 114 16.88 3.80 3.76
C ALA A 114 16.54 4.54 2.48
N GLY A 115 16.64 3.86 1.33
CA GLY A 115 16.40 4.49 0.05
C GLY A 115 14.94 4.63 -0.32
N VAL A 116 14.05 4.13 0.53
CA VAL A 116 12.63 4.38 0.34
C VAL A 116 12.36 5.87 0.47
N ASN A 117 11.53 6.41 -0.43
CA ASN A 117 11.13 7.81 -0.32
C ASN A 117 9.75 7.91 0.31
N LEU A 118 9.41 9.13 0.70
CA LEU A 118 8.19 9.35 1.47
C LEU A 118 6.93 9.29 0.62
N ASP A 119 7.05 9.40 -0.71
CA ASP A 119 5.89 9.25 -1.58
C ASP A 119 5.54 7.78 -1.77
N GLN A 120 6.54 6.97 -2.08
CA GLN A 120 6.42 5.53 -2.03
C GLN A 120 5.84 5.07 -0.70
N LEU A 121 6.48 5.46 0.39
CA LEU A 121 6.04 5.08 1.73
C LEU A 121 4.61 5.54 1.99
N MET A 122 4.30 6.80 1.70
CA MET A 122 2.97 7.32 1.99
C MET A 122 1.89 6.47 1.30
N LYS A 123 2.15 6.06 0.06
CA LYS A 123 1.11 5.42 -0.73
C LYS A 123 0.93 3.97 -0.30
N ALA A 124 2.01 3.31 0.11
CA ALA A 124 1.92 1.95 0.62
C ALA A 124 1.30 1.89 2.02
N ALA A 125 1.46 2.94 2.82
CA ALA A 125 0.98 2.91 4.20
C ALA A 125 -0.49 3.24 4.32
N LEU A 126 -1.03 4.05 3.41
CA LEU A 126 -2.42 4.48 3.51
C LEU A 126 -3.39 3.31 3.60
N PRO A 127 -3.27 2.25 2.80
CA PRO A 127 -4.22 1.13 2.93
C PRO A 127 -4.30 0.55 4.32
N PHE A 128 -3.31 0.83 5.18
CA PHE A 128 -3.28 0.34 6.54
C PHE A 128 -3.83 1.34 7.55
N GLY A 129 -4.38 2.46 7.08
CA GLY A 129 -4.75 3.54 7.98
C GLY A 129 -3.57 4.26 8.61
N LEU A 130 -2.45 4.38 7.90
CA LEU A 130 -1.24 4.95 8.48
C LEU A 130 -0.78 6.15 7.67
N TRP A 131 -0.33 7.18 8.38
CA TRP A 131 0.08 8.45 7.80
C TRP A 131 1.54 8.73 8.11
N VAL A 132 2.27 9.24 7.13
CA VAL A 132 3.67 9.60 7.33
C VAL A 132 3.67 10.72 8.37
N PRO A 133 4.31 10.53 9.49
CA PRO A 133 4.18 11.42 10.60
C PRO A 133 4.75 12.88 10.40
N VAL A 134 5.81 13.06 9.62
CA VAL A 134 6.39 14.36 9.23
C VAL A 134 6.58 14.35 7.66
N LEU A 135 5.89 15.17 6.85
CA LEU A 135 6.04 15.31 5.38
C LEU A 135 6.67 16.70 5.17
N PRO A 136 7.73 16.86 4.40
CA PRO A 136 8.31 18.13 4.04
C PRO A 136 7.59 18.65 2.76
N GLY A 137 7.97 19.80 2.22
CA GLY A 137 7.36 20.34 1.03
C GLY A 137 7.44 19.51 -0.26
N THR A 138 8.21 18.49 -0.25
CA THR A 138 8.27 17.57 -1.37
C THR A 138 8.34 16.17 -0.79
N ARG A 139 7.69 15.22 -1.44
CA ARG A 139 7.77 13.83 -0.97
C ARG A 139 8.90 13.07 -1.63
N GLN A 140 9.68 13.73 -2.49
CA GLN A 140 10.83 13.12 -3.15
C GLN A 140 12.08 13.26 -2.28
N VAL A 141 12.02 12.69 -1.09
CA VAL A 141 13.19 12.59 -0.22
C VAL A 141 13.23 11.18 0.35
N THR A 142 14.44 10.66 0.56
CA THR A 142 14.57 9.32 1.10
C THR A 142 14.41 9.36 2.61
N VAL A 143 14.12 8.18 3.18
CA VAL A 143 14.08 8.02 4.63
C VAL A 143 15.44 8.37 5.23
N GLY A 144 16.52 7.92 4.58
CA GLY A 144 17.84 8.29 5.06
C GLY A 144 18.01 9.80 5.16
N GLY A 145 17.63 10.51 4.10
CA GLY A 145 17.77 11.95 4.12
C GLY A 145 16.83 12.63 5.10
N ALA A 146 15.63 12.06 5.30
CA ALA A 146 14.73 12.61 6.30
C ALA A 146 15.31 12.50 7.70
N ILE A 147 16.06 11.45 8.00
CA ILE A 147 16.68 11.30 9.32
C ILE A 147 17.94 12.13 9.40
N ALA A 148 18.76 12.12 8.36
CA ALA A 148 20.07 12.79 8.42
C ALA A 148 19.93 14.30 8.51
N CYS A 149 18.88 14.87 7.92
CA CYS A 149 18.59 16.28 8.06
C CYS A 149 17.52 16.55 9.11
N ASP A 150 17.03 15.50 9.77
CA ASP A 150 15.97 15.62 10.78
C ASP A 150 14.88 16.57 10.32
N ILE A 151 14.30 16.23 9.16
CA ILE A 151 13.44 17.18 8.48
C ILE A 151 12.20 17.49 9.31
N HIS A 152 11.51 18.55 8.90
CA HIS A 152 10.33 19.07 9.58
C HIS A 152 9.26 19.37 8.55
N GLY A 153 8.07 19.68 9.04
CA GLY A 153 6.99 20.05 8.16
C GLY A 153 5.99 20.97 8.82
N LYS A 154 4.82 21.08 8.18
CA LYS A 154 3.79 21.97 8.67
C LYS A 154 3.22 21.56 10.02
N ASN A 155 3.48 20.33 10.48
CA ASN A 155 2.97 19.89 11.77
C ASN A 155 4.06 19.86 12.84
N HIS A 156 5.14 20.62 12.65
CA HIS A 156 6.23 20.52 13.60
C HIS A 156 5.79 20.90 15.01
N HIS A 157 4.91 21.89 15.15
CA HIS A 157 4.52 22.35 16.47
C HIS A 157 3.67 21.34 17.21
N SER A 158 3.14 20.32 16.51
CA SER A 158 2.36 19.27 17.14
C SER A 158 3.03 17.90 17.04
N ALA A 159 3.95 17.70 16.10
CA ALA A 159 4.58 16.41 15.89
C ALA A 159 6.09 16.40 16.05
N GLY A 160 6.74 17.57 16.16
CA GLY A 160 8.20 17.56 16.14
C GLY A 160 8.73 17.26 14.75
N SER A 161 10.01 16.88 14.68
CA SER A 161 10.63 16.55 13.41
C SER A 161 10.73 15.04 13.24
N PHE A 162 11.28 14.64 12.10
CA PHE A 162 11.24 13.25 11.68
C PHE A 162 11.90 12.33 12.68
N GLY A 163 13.05 12.74 13.23
CA GLY A 163 13.78 11.90 14.18
C GLY A 163 12.96 11.51 15.39
N ASN A 164 11.92 12.29 15.72
CA ASN A 164 11.13 11.99 16.89
C ASN A 164 10.36 10.69 16.74
N HIS A 165 10.16 10.24 15.51
CA HIS A 165 9.28 9.11 15.21
C HIS A 165 10.04 7.88 14.76
N VAL A 166 11.36 7.95 14.75
CA VAL A 166 12.20 6.80 14.47
C VAL A 166 12.30 5.97 15.74
N ARG A 167 11.89 4.69 15.64
CA ARG A 167 12.02 3.77 16.76
C ARG A 167 13.31 2.95 16.72
N SER A 168 13.94 2.84 15.55
CA SER A 168 15.19 2.12 15.39
C SER A 168 15.74 2.40 14.01
N MET A 169 17.07 2.39 13.91
CA MET A 169 17.73 2.37 12.62
C MET A 169 18.99 1.55 12.71
N ASP A 170 19.37 0.95 11.59
CA ASP A 170 20.62 0.20 11.47
C ASP A 170 21.65 1.10 10.79
N LEU A 171 22.73 1.42 11.51
CA LEU A 171 23.75 2.33 10.98
C LEU A 171 25.03 1.57 10.68
N LEU A 172 25.48 1.64 9.44
CA LEU A 172 26.77 1.10 9.01
C LEU A 172 27.86 2.09 9.38
N THR A 173 28.71 1.72 10.34
CA THR A 173 29.72 2.63 10.86
C THR A 173 31.06 2.39 10.19
N ALA A 174 32.04 3.25 10.56
CA ALA A 174 33.35 3.22 9.92
C ALA A 174 34.05 1.87 10.11
N ASP A 175 33.87 1.24 11.29
CA ASP A 175 34.43 -0.07 11.55
C ASP A 175 33.85 -1.17 10.65
N GLY A 176 32.88 -0.83 9.78
CA GLY A 176 32.27 -1.83 8.92
C GLY A 176 31.17 -2.65 9.57
N GLU A 177 30.86 -2.40 10.84
CA GLU A 177 29.76 -3.10 11.51
C GLU A 177 28.46 -2.33 11.31
N ILE A 178 27.34 -3.05 11.42
CA ILE A 178 26.02 -2.47 11.32
C ILE A 178 25.41 -2.48 12.69
N ARG A 179 25.23 -1.30 13.27
CA ARG A 179 24.75 -1.16 14.63
C ARG A 179 23.26 -0.87 14.63
N HIS A 180 22.54 -1.58 15.50
CA HIS A 180 21.09 -1.41 15.64
C HIS A 180 20.84 -0.43 16.78
N LEU A 181 20.55 0.82 16.41
CA LEU A 181 20.40 1.90 17.37
C LEU A 181 18.95 2.19 17.68
N THR A 182 18.70 2.59 18.92
CA THR A 182 17.39 3.02 19.36
C THR A 182 17.52 4.35 20.09
N PRO A 183 16.40 5.08 20.26
CA PRO A 183 16.50 6.42 20.88
C PRO A 183 16.75 6.40 22.37
N THR A 184 16.38 5.34 23.08
CA THR A 184 16.63 5.25 24.53
C THR A 184 17.52 4.08 24.90
N GLY A 185 18.08 3.37 23.93
CA GLY A 185 18.94 2.26 24.24
C GLY A 185 20.26 2.71 24.82
N GLU A 186 21.24 1.81 24.84
CA GLU A 186 22.59 2.18 25.27
C GLU A 186 23.29 3.04 24.23
N ASP A 187 22.96 2.85 22.95
CA ASP A 187 23.53 3.66 21.88
C ASP A 187 22.68 4.90 21.58
N ALA A 188 21.90 5.38 22.54
CA ALA A 188 21.05 6.55 22.30
C ALA A 188 21.88 7.73 21.78
N GLU A 189 23.08 7.89 22.33
CA GLU A 189 23.93 9.03 21.99
C GLU A 189 24.27 9.03 20.51
N LEU A 190 24.68 7.88 19.98
CA LEU A 190 24.94 7.77 18.55
C LEU A 190 23.67 7.87 17.72
N PHE A 191 22.55 7.37 18.24
CA PHE A 191 21.28 7.52 17.53
C PHE A 191 20.96 8.99 17.28
N TRP A 192 21.02 9.80 18.35
CA TRP A 192 20.68 11.22 18.26
C TRP A 192 21.79 12.07 17.67
N ALA A 193 22.99 11.52 17.47
CA ALA A 193 23.99 12.18 16.66
C ALA A 193 23.78 11.92 15.18
N THR A 194 23.16 10.79 14.85
CA THR A 194 22.77 10.45 13.49
C THR A 194 21.55 11.24 13.04
N VAL A 195 20.56 11.40 13.92
CA VAL A 195 19.44 12.30 13.67
C VAL A 195 20.04 13.68 13.46
N GLY A 196 19.99 14.15 12.21
CA GLY A 196 20.49 15.47 11.88
C GLY A 196 21.97 15.55 11.59
N GLY A 197 22.68 14.43 11.57
CA GLY A 197 24.11 14.44 11.39
C GLY A 197 24.59 14.35 9.96
N ASN A 198 23.70 14.67 9.02
CA ASN A 198 24.03 14.81 7.59
C ASN A 198 24.97 13.69 7.12
N GLY A 199 24.66 12.47 7.53
CA GLY A 199 25.38 11.30 7.09
C GLY A 199 26.76 11.11 7.68
N LEU A 200 27.23 12.00 8.53
CA LEU A 200 28.60 11.98 8.98
C LEU A 200 28.85 11.05 10.17
N THR A 201 27.92 10.15 10.46
CA THR A 201 28.15 9.09 11.43
C THR A 201 28.09 7.70 10.80
N GLY A 202 27.85 7.62 9.51
CA GLY A 202 27.64 6.35 8.87
C GLY A 202 26.47 6.37 7.91
N ILE A 203 26.21 5.22 7.30
CA ILE A 203 25.15 5.07 6.31
C ILE A 203 23.99 4.38 7.00
N ILE A 204 22.87 5.08 7.10
CA ILE A 204 21.61 4.49 7.55
C ILE A 204 21.16 3.50 6.46
N MET A 205 21.14 2.22 6.79
CA MET A 205 20.70 1.21 5.83
C MET A 205 19.20 0.98 5.90
N ARG A 206 18.65 1.03 7.11
CA ARG A 206 17.31 0.51 7.38
C ARG A 206 16.80 1.19 8.64
N ALA A 207 15.49 1.35 8.70
CA ALA A 207 14.91 2.02 9.86
C ALA A 207 13.49 1.57 10.09
N THR A 208 13.06 1.73 11.33
CA THR A 208 11.70 1.45 11.74
C THR A 208 11.07 2.73 12.24
N ILE A 209 9.93 3.09 11.65
CA ILE A 209 9.26 4.36 11.92
C ILE A 209 7.90 4.04 12.51
N GLU A 210 7.50 4.79 13.55
CA GLU A 210 6.12 4.74 14.03
C GLU A 210 5.29 5.75 13.25
N MET A 211 4.24 5.27 12.59
CA MET A 211 3.36 6.11 11.78
C MET A 211 2.26 6.71 12.65
N THR A 212 1.54 7.66 12.07
CA THR A 212 0.42 8.32 12.72
C THR A 212 -0.86 7.69 12.22
N PRO A 213 -1.76 7.24 13.11
CA PRO A 213 -3.01 6.63 12.64
C PRO A 213 -3.91 7.66 11.98
N THR A 214 -4.51 7.27 10.86
CA THR A 214 -5.50 8.13 10.22
C THR A 214 -6.57 7.27 9.58
N SER A 215 -7.78 7.80 9.51
CA SER A 215 -8.86 7.16 8.79
C SER A 215 -9.15 7.82 7.44
N THR A 216 -8.48 8.92 7.12
CA THR A 216 -8.64 9.52 5.80
C THR A 216 -7.30 10.00 5.25
N ALA A 217 -7.28 10.20 3.93
CA ALA A 217 -6.19 10.86 3.25
C ALA A 217 -6.46 12.35 3.03
N TYR A 218 -7.37 12.94 3.79
CA TYR A 218 -7.79 14.31 3.58
C TYR A 218 -7.59 15.15 4.83
N PHE A 219 -7.48 16.45 4.61
CA PHE A 219 -7.41 17.44 5.68
C PHE A 219 -8.68 18.26 5.74
N ILE A 220 -9.01 18.76 6.93
CA ILE A 220 -9.99 19.83 7.08
C ILE A 220 -9.22 21.09 7.45
N ALA A 221 -9.32 22.12 6.60
CA ALA A 221 -8.43 23.26 6.68
C ALA A 221 -9.22 24.53 6.95
N ASP A 222 -8.66 25.37 7.82
CA ASP A 222 -9.10 26.74 8.03
C ASP A 222 -8.08 27.71 7.44
N GLY A 223 -8.57 28.77 6.77
CA GLY A 223 -7.71 29.74 6.14
C GLY A 223 -7.95 31.11 6.72
N ASP A 224 -6.90 31.94 6.70
CA ASP A 224 -6.95 33.27 7.29
C ASP A 224 -5.89 34.14 6.62
N VAL A 225 -6.27 35.39 6.33
CA VAL A 225 -5.38 36.35 5.69
C VAL A 225 -5.13 37.49 6.65
N THR A 226 -3.86 37.82 6.86
CA THR A 226 -3.46 39.00 7.62
C THR A 226 -3.00 40.10 6.67
N ALA A 227 -2.87 41.30 7.23
CA ALA A 227 -2.52 42.48 6.44
C ALA A 227 -1.18 43.10 6.82
N SER A 228 -0.50 42.58 7.83
CA SER A 228 0.77 43.12 8.25
C SER A 228 1.57 42.03 8.97
N LEU A 229 2.86 42.31 9.19
CA LEU A 229 3.65 41.38 9.99
C LEU A 229 3.11 41.30 11.41
N ASP A 230 2.70 42.43 11.99
CA ASP A 230 2.25 42.44 13.37
C ASP A 230 1.00 41.58 13.56
N GLU A 231 0.13 41.56 12.56
CA GLU A 231 -1.07 40.74 12.66
C GLU A 231 -0.73 39.26 12.51
N THR A 232 0.06 38.93 11.47
CA THR A 232 0.58 37.58 11.36
C THR A 232 1.13 37.08 12.70
N ILE A 233 2.01 37.86 13.31
CA ILE A 233 2.55 37.48 14.62
C ILE A 233 1.40 37.20 15.59
N ALA A 234 0.43 38.11 15.63
CA ALA A 234 -0.61 38.05 16.64
C ALA A 234 -1.48 36.82 16.46
N LEU A 235 -1.82 36.51 15.21
CA LEU A 235 -2.57 35.28 14.93
C LEU A 235 -1.82 34.06 15.44
N HIS A 236 -0.50 34.03 15.30
CA HIS A 236 0.27 32.87 15.73
C HIS A 236 0.55 32.87 17.23
N SER A 237 0.03 33.84 17.99
CA SER A 237 0.22 33.85 19.43
C SER A 237 -1.10 33.99 20.18
N ASP A 238 -2.23 33.89 19.48
CA ASP A 238 -3.51 33.82 20.17
C ASP A 238 -3.57 32.65 21.12
N GLY A 239 -2.97 31.53 20.70
CA GLY A 239 -3.32 30.21 21.19
C GLY A 239 -4.05 29.36 20.17
N SER A 240 -4.51 29.95 19.06
CA SER A 240 -5.24 29.19 18.05
C SER A 240 -4.38 28.10 17.41
N GLU A 241 -3.05 28.24 17.43
CA GLU A 241 -2.21 27.18 16.89
C GLU A 241 -2.42 25.85 17.60
N ALA A 242 -2.92 25.88 18.84
CA ALA A 242 -3.16 24.65 19.59
C ALA A 242 -4.37 23.89 19.08
N ARG A 243 -5.24 24.52 18.30
CA ARG A 243 -6.39 23.84 17.72
C ARG A 243 -6.05 23.13 16.41
N TYR A 244 -4.85 23.35 15.87
CA TYR A 244 -4.45 22.80 14.59
C TYR A 244 -3.20 21.96 14.77
N THR A 245 -3.15 20.83 14.06
CA THR A 245 -1.94 20.02 14.02
C THR A 245 -0.98 20.43 12.90
N TYR A 246 -1.51 21.01 11.82
CA TYR A 246 -0.75 21.50 10.68
C TYR A 246 -0.95 23.00 10.57
N SER A 247 0.13 23.74 10.38
CA SER A 247 0.02 25.18 10.16
C SER A 247 1.25 25.71 9.44
N SER A 248 1.02 26.57 8.44
CA SER A 248 2.08 27.24 7.71
C SER A 248 1.45 28.46 7.05
N ALA A 249 2.28 29.35 6.50
CA ALA A 249 1.74 30.53 5.84
C ALA A 249 2.66 30.98 4.71
N TRP A 250 2.05 31.57 3.70
CA TRP A 250 2.77 32.33 2.67
C TRP A 250 2.91 33.77 3.13
N PHE A 251 4.04 34.38 2.81
CA PHE A 251 4.57 35.50 3.56
C PHE A 251 5.08 36.60 2.65
N ASP A 252 4.57 37.82 2.81
CA ASP A 252 5.00 38.96 1.99
C ASP A 252 6.32 39.50 2.51
N ALA A 253 7.36 39.48 1.67
CA ALA A 253 8.68 39.97 2.04
C ALA A 253 9.17 41.07 1.14
N ILE A 254 8.35 41.56 0.19
CA ILE A 254 8.79 42.57 -0.76
C ILE A 254 8.12 43.89 -0.37
N SER A 255 6.80 43.89 -0.27
CA SER A 255 6.07 45.09 0.08
C SER A 255 6.63 45.76 1.33
N ALA A 256 6.73 47.08 1.30
CA ALA A 256 7.18 47.83 2.45
C ALA A 256 6.09 47.89 3.52
N PRO A 257 6.45 48.11 4.78
CA PRO A 257 5.43 48.35 5.80
C PRO A 257 4.41 49.36 5.31
N PRO A 258 3.13 49.18 5.64
CA PRO A 258 2.53 48.25 6.61
C PRO A 258 2.27 46.86 6.08
N LYS A 259 2.28 46.70 4.75
CA LYS A 259 1.96 45.42 4.15
C LYS A 259 3.01 44.36 4.47
N LEU A 260 4.27 44.75 4.69
CA LEU A 260 5.33 43.80 4.98
C LEU A 260 4.84 42.74 5.96
N GLY A 261 5.04 41.48 5.59
CA GLY A 261 4.70 40.40 6.50
C GLY A 261 3.22 40.13 6.64
N ARG A 262 2.39 40.63 5.73
CA ARG A 262 1.05 40.09 5.58
C ARG A 262 1.15 38.65 5.10
N ALA A 263 0.14 37.83 5.42
CA ALA A 263 0.26 36.41 5.12
C ALA A 263 -1.09 35.79 4.81
N ALA A 264 -1.05 34.76 3.96
CA ALA A 264 -2.16 33.83 3.81
C ALA A 264 -1.85 32.60 4.68
N VAL A 265 -2.58 32.45 5.76
CA VAL A 265 -2.36 31.36 6.71
C VAL A 265 -3.25 30.19 6.34
N SER A 266 -2.71 28.98 6.47
CA SER A 266 -3.42 27.76 6.15
C SER A 266 -3.15 26.74 7.25
N ARG A 267 -4.20 26.37 7.97
CA ARG A 267 -4.08 25.51 9.14
C ARG A 267 -5.16 24.43 9.08
N GLY A 268 -4.87 23.27 9.65
CA GLY A 268 -5.85 22.21 9.57
C GLY A 268 -5.49 20.99 10.38
N ARG A 269 -6.25 19.94 10.11
CA ARG A 269 -6.11 18.65 10.75
C ARG A 269 -6.42 17.56 9.73
N LEU A 270 -5.88 16.37 9.95
CA LEU A 270 -6.36 15.21 9.22
C LEU A 270 -7.83 15.00 9.54
N ALA A 271 -8.65 14.88 8.48
CA ALA A 271 -10.07 14.67 8.65
C ALA A 271 -10.34 13.24 9.10
N THR A 272 -11.49 13.07 9.74
CA THR A 272 -12.08 11.76 9.94
C THR A 272 -13.02 11.46 8.77
N VAL A 273 -13.45 10.21 8.68
CA VAL A 273 -14.38 9.81 7.63
C VAL A 273 -15.70 10.54 7.76
N GLU A 274 -16.14 10.79 9.00
CA GLU A 274 -17.42 11.45 9.22
C GLU A 274 -17.44 12.85 8.65
N GLN A 275 -16.31 13.54 8.69
CA GLN A 275 -16.21 14.88 8.18
C GLN A 275 -16.02 14.93 6.68
N LEU A 276 -16.00 13.82 6.03
CA LEU A 276 -15.84 13.90 4.58
C LEU A 276 -17.20 14.02 3.90
N PRO A 277 -17.24 14.60 2.72
CA PRO A 277 -18.47 14.55 1.91
C PRO A 277 -18.78 13.12 1.52
N ALA A 278 -20.08 12.83 1.38
CA ALA A 278 -20.53 11.50 1.01
C ALA A 278 -19.72 10.90 -0.14
N LYS A 279 -19.47 11.70 -1.19
CA LYS A 279 -18.74 11.16 -2.35
C LYS A 279 -17.45 10.47 -1.92
N LEU A 280 -16.82 10.96 -0.87
CA LEU A 280 -15.48 10.54 -0.48
C LEU A 280 -15.45 9.45 0.58
N ARG A 281 -16.54 9.22 1.30
CA ARG A 281 -16.50 8.29 2.42
C ARG A 281 -16.44 6.83 1.99
N SER A 282 -16.57 6.54 0.70
CA SER A 282 -16.44 5.16 0.22
C SER A 282 -14.99 4.77 -0.02
N GLU A 283 -14.15 5.74 -0.37
CA GLU A 283 -12.72 5.53 -0.58
C GLU A 283 -11.96 6.57 0.25
N PRO A 284 -12.12 6.54 1.57
CA PRO A 284 -11.61 7.66 2.39
C PRO A 284 -10.09 7.78 2.40
N LEU A 285 -9.37 6.70 2.10
CA LEU A 285 -7.92 6.67 2.17
C LEU A 285 -7.25 6.70 0.81
N LYS A 286 -8.02 6.91 -0.25
CA LYS A 286 -7.49 6.94 -1.61
C LYS A 286 -6.73 8.24 -1.87
N PHE A 287 -5.56 8.11 -2.48
CA PHE A 287 -4.75 9.27 -2.82
C PHE A 287 -4.97 9.63 -4.28
N ASP A 288 -5.34 10.89 -4.51
CA ASP A 288 -5.60 11.38 -5.86
C ASP A 288 -4.30 11.87 -6.51
N ALA A 304 -8.90 38.67 -15.20
CA ALA A 304 -9.03 39.87 -14.36
C ALA A 304 -7.69 40.28 -13.75
N ASN A 305 -6.71 40.59 -14.60
CA ASN A 305 -5.35 40.86 -14.13
C ASN A 305 -5.05 42.34 -13.88
N LYS A 306 -5.82 43.26 -14.45
CA LYS A 306 -5.65 44.66 -14.11
C LYS A 306 -6.14 44.97 -12.71
N TYR A 307 -6.98 44.10 -12.14
CA TYR A 307 -7.47 44.27 -10.79
C TYR A 307 -6.48 43.79 -9.75
N THR A 308 -5.49 43.00 -10.16
CA THR A 308 -4.73 42.18 -9.21
C THR A 308 -4.10 43.01 -8.11
N PHE A 309 -3.46 44.12 -8.47
CA PHE A 309 -2.71 44.94 -7.53
C PHE A 309 -3.50 46.13 -7.02
N GLY A 310 -4.82 46.10 -7.20
CA GLY A 310 -5.67 47.17 -6.73
C GLY A 310 -6.62 46.69 -5.65
N PRO A 311 -7.48 47.59 -5.19
CA PRO A 311 -8.35 47.27 -4.05
C PRO A 311 -9.30 46.12 -4.31
N ILE A 312 -9.71 45.91 -5.57
CA ILE A 312 -10.55 44.76 -5.89
C ILE A 312 -9.74 43.48 -5.76
N GLY A 313 -8.50 43.48 -6.24
CA GLY A 313 -7.61 42.36 -6.02
C GLY A 313 -7.40 42.07 -4.55
N GLU A 314 -7.26 43.13 -3.74
CA GLU A 314 -7.09 42.92 -2.31
C GLU A 314 -8.28 42.19 -1.72
N LEU A 315 -9.50 42.60 -2.09
CA LEU A 315 -10.68 41.93 -1.59
C LEU A 315 -10.77 40.47 -2.04
N TRP A 316 -10.55 40.23 -3.33
CA TRP A 316 -10.60 38.86 -3.84
C TRP A 316 -9.63 37.97 -3.07
N TYR A 317 -8.36 38.41 -2.99
CA TYR A 317 -7.35 37.65 -2.27
C TYR A 317 -7.79 37.36 -0.84
N ARG A 318 -8.35 38.35 -0.15
CA ARG A 318 -8.80 38.13 1.22
C ARG A 318 -9.97 37.17 1.28
N LYS A 319 -10.95 37.30 0.37
CA LYS A 319 -12.06 36.37 0.34
C LYS A 319 -11.59 34.96 0.02
N SER A 320 -10.85 34.80 -1.08
CA SER A 320 -10.39 33.46 -1.46
C SER A 320 -9.51 32.86 -0.37
N GLY A 321 -8.78 33.70 0.37
CA GLY A 321 -7.88 33.21 1.40
C GLY A 321 -8.48 33.02 2.76
N THR A 322 -9.74 33.39 2.95
CA THR A 322 -10.43 33.26 4.22
C THR A 322 -11.46 32.14 4.08
N TYR A 323 -11.44 31.17 5.00
CA TYR A 323 -12.41 30.08 4.92
C TYR A 323 -12.32 29.20 6.15
N ARG A 324 -13.29 28.29 6.26
CA ARG A 324 -13.40 27.40 7.40
C ARG A 324 -13.97 26.05 6.99
N GLY A 325 -13.38 24.99 7.54
CA GLY A 325 -13.87 23.65 7.34
C GLY A 325 -13.68 23.11 5.95
N LYS A 326 -12.76 23.65 5.17
CA LYS A 326 -12.56 23.19 3.80
C LYS A 326 -11.85 21.84 3.79
N VAL A 327 -12.44 20.87 3.10
CA VAL A 327 -11.83 19.55 2.92
C VAL A 327 -10.85 19.62 1.76
N GLN A 328 -9.63 19.12 1.98
CA GLN A 328 -8.58 19.16 0.98
C GLN A 328 -7.78 17.88 1.05
N ASN A 329 -7.40 17.37 -0.12
CA ASN A 329 -6.42 16.28 -0.20
C ASN A 329 -5.02 16.84 0.07
N LEU A 330 -4.01 15.97 -0.02
CA LEU A 330 -2.66 16.36 0.35
C LEU A 330 -2.12 17.44 -0.59
N THR A 331 -2.28 17.26 -1.90
CA THR A 331 -1.74 18.24 -2.84
C THR A 331 -2.36 19.61 -2.63
N GLN A 332 -3.66 19.68 -2.62
CA GLN A 332 -4.34 20.98 -2.39
C GLN A 332 -3.92 21.66 -1.03
N PHE A 333 -3.87 20.90 0.07
CA PHE A 333 -3.54 21.45 1.42
C PHE A 333 -2.03 21.77 1.66
N TYR A 334 -1.19 20.94 1.09
CA TYR A 334 0.25 20.86 1.39
C TYR A 334 1.18 21.33 0.26
N HIS A 335 0.62 21.50 -0.91
CA HIS A 335 1.37 21.88 -2.09
C HIS A 335 0.67 22.87 -3.00
N PRO A 336 0.42 24.05 -2.50
CA PRO A 336 -0.26 25.06 -3.29
C PRO A 336 0.71 25.81 -4.21
N GLY A 351 20.27 29.83 -10.16
CA GLY A 351 19.43 30.98 -10.42
C GLY A 351 18.84 31.60 -9.18
N PHE A 352 18.77 30.82 -8.11
CA PHE A 352 18.17 31.26 -6.86
C PHE A 352 19.05 30.84 -5.70
N LEU A 353 18.86 31.54 -4.59
CA LEU A 353 19.55 31.29 -3.34
C LEU A 353 18.46 31.03 -2.31
N GLN A 354 18.34 29.76 -1.88
CA GLN A 354 17.33 29.37 -0.89
C GLN A 354 17.94 29.52 0.49
N TYR A 355 17.22 30.24 1.35
CA TYR A 355 17.71 30.65 2.66
C TYR A 355 16.63 30.41 3.70
N GLN A 356 16.99 29.74 4.80
CA GLN A 356 16.03 29.35 5.82
C GLN A 356 16.66 29.51 7.19
N PHE A 357 15.90 30.10 8.11
CA PHE A 357 16.39 30.30 9.46
C PHE A 357 15.21 30.31 10.43
N VAL A 358 15.53 30.08 11.70
CA VAL A 358 14.55 30.14 12.78
C VAL A 358 15.09 31.05 13.87
N ILE A 359 14.21 31.90 14.39
CA ILE A 359 14.51 32.84 15.47
C ILE A 359 13.77 32.37 16.72
N PRO A 360 14.43 32.20 17.87
CA PRO A 360 13.71 31.68 19.04
C PRO A 360 12.47 32.49 19.35
N THR A 361 11.51 31.84 20.01
CA THR A 361 10.15 32.39 20.10
C THR A 361 10.13 33.72 20.84
N GLU A 362 10.88 33.82 21.94
CA GLU A 362 10.81 35.03 22.75
C GLU A 362 11.33 36.24 22.01
N ALA A 363 12.23 36.02 21.03
CA ALA A 363 12.89 37.13 20.37
C ALA A 363 12.02 37.74 19.27
N VAL A 364 10.80 38.15 19.59
CA VAL A 364 9.87 38.57 18.54
C VAL A 364 10.31 39.89 17.91
N ASP A 365 10.72 40.87 18.73
CA ASP A 365 11.19 42.12 18.15
C ASP A 365 12.36 41.87 17.21
N GLU A 366 13.24 40.95 17.57
CA GLU A 366 14.36 40.60 16.72
C GLU A 366 13.86 40.00 15.41
N PHE A 367 12.92 39.07 15.48
CA PHE A 367 12.37 38.49 14.25
C PHE A 367 11.80 39.58 13.35
N LYS A 368 11.08 40.56 13.92
CA LYS A 368 10.55 41.64 13.12
C LYS A 368 11.65 42.48 12.49
N LYS A 369 12.76 42.68 13.21
CA LYS A 369 13.89 43.42 12.65
C LYS A 369 14.47 42.72 11.43
N ILE A 370 14.57 41.40 11.49
CA ILE A 370 15.17 40.68 10.36
C ILE A 370 14.28 40.79 9.13
N ILE A 371 12.97 40.71 9.31
CA ILE A 371 12.07 40.85 8.17
C ILE A 371 12.20 42.24 7.58
N GLY A 372 12.30 43.27 8.43
CA GLY A 372 12.54 44.61 7.95
C GLY A 372 13.84 44.72 7.20
N VAL A 373 14.90 44.09 7.73
CA VAL A 373 16.19 44.12 7.04
C VAL A 373 16.03 43.54 5.64
N ILE A 374 15.32 42.41 5.51
CA ILE A 374 15.21 41.75 4.22
C ILE A 374 14.42 42.61 3.24
N GLN A 375 13.36 43.24 3.73
CA GLN A 375 12.50 44.03 2.86
C GLN A 375 13.24 45.24 2.33
N ALA A 376 14.12 45.84 3.14
CA ALA A 376 14.87 47.03 2.72
C ALA A 376 16.15 46.67 1.99
N SER A 377 16.37 45.38 1.67
CA SER A 377 17.67 44.95 1.18
C SER A 377 17.88 45.12 -0.32
N GLY A 378 16.81 45.28 -1.09
CA GLY A 378 16.94 45.27 -2.53
C GLY A 378 17.01 43.90 -3.13
N HIS A 379 16.75 42.86 -2.35
CA HIS A 379 16.65 41.50 -2.83
C HIS A 379 15.22 41.06 -2.57
N TYR A 380 14.51 40.78 -3.66
CA TYR A 380 13.07 40.61 -3.61
C TYR A 380 12.77 39.12 -3.66
N SER A 381 12.12 38.63 -2.61
CA SER A 381 11.74 37.23 -2.50
C SER A 381 10.22 37.14 -2.58
N PHE A 382 9.72 36.40 -3.57
CA PHE A 382 8.28 36.22 -3.71
C PHE A 382 7.77 34.97 -2.98
N LEU A 383 8.52 33.87 -3.01
CA LEU A 383 8.03 32.58 -2.49
C LEU A 383 8.57 32.38 -1.08
N ASN A 384 7.82 32.83 -0.09
CA ASN A 384 8.26 32.77 1.31
C ASN A 384 7.27 31.99 2.16
N VAL A 385 7.80 31.04 2.93
CA VAL A 385 7.01 30.22 3.82
C VAL A 385 7.35 30.59 5.26
N PHE A 386 6.31 30.80 6.07
CA PHE A 386 6.43 31.21 7.46
C PHE A 386 5.77 30.14 8.33
N LYS A 387 6.40 29.85 9.46
CA LYS A 387 5.82 28.92 10.40
C LYS A 387 6.40 29.09 11.78
N LEU A 388 5.57 28.82 12.79
CA LEU A 388 5.99 28.82 14.19
C LEU A 388 6.32 27.38 14.61
N PHE A 389 7.60 27.12 14.85
CA PHE A 389 8.02 25.82 15.32
C PHE A 389 7.61 25.61 16.79
N GLY A 390 7.52 24.33 17.18
CA GLY A 390 7.31 23.97 18.56
C GLY A 390 8.56 23.39 19.18
N PRO A 391 8.40 22.67 20.30
CA PRO A 391 9.59 22.17 21.02
C PRO A 391 10.56 21.41 20.13
N ARG A 392 11.83 21.49 20.49
CA ARG A 392 12.90 20.80 19.80
C ARG A 392 13.11 19.41 20.40
N ASN A 393 13.93 18.61 19.72
CA ASN A 393 14.29 17.29 20.22
C ASN A 393 15.75 17.31 20.67
N GLN A 394 16.25 16.14 21.06
CA GLN A 394 17.54 16.08 21.73
C GLN A 394 18.72 15.83 20.79
N ALA A 395 18.51 15.89 19.48
CA ALA A 395 19.62 15.72 18.54
C ALA A 395 20.48 16.99 18.57
N PRO A 396 21.79 16.90 18.82
CA PRO A 396 22.59 18.12 18.98
C PRO A 396 22.57 19.01 17.75
N LEU A 397 22.61 18.44 16.54
CA LEU A 397 22.64 19.24 15.32
C LEU A 397 21.26 19.36 14.68
N SER A 398 20.19 19.01 15.39
CA SER A 398 18.86 19.23 14.85
C SER A 398 18.58 20.72 14.64
N PHE A 399 18.09 21.06 13.46
CA PHE A 399 17.86 22.46 13.10
C PHE A 399 16.69 23.06 13.86
N PRO A 400 15.52 22.42 13.95
CA PRO A 400 14.34 23.13 14.49
C PRO A 400 14.47 23.44 15.98
N ILE A 401 14.14 24.68 16.33
CA ILE A 401 13.94 25.07 17.73
C ILE A 401 12.63 25.84 17.82
N PRO A 402 11.96 25.85 18.96
CA PRO A 402 10.74 26.65 19.11
C PRO A 402 10.97 28.10 18.72
N GLY A 403 10.22 28.57 17.72
CA GLY A 403 10.31 29.96 17.34
C GLY A 403 9.91 30.19 15.89
N TRP A 404 10.31 31.36 15.39
CA TRP A 404 9.82 31.91 14.14
C TRP A 404 10.69 31.41 13.00
N ASN A 405 10.14 30.54 12.17
CA ASN A 405 10.84 29.95 11.05
C ASN A 405 10.33 30.56 9.75
N ILE A 406 11.24 30.78 8.81
CA ILE A 406 10.85 31.31 7.51
C ILE A 406 11.85 30.88 6.46
N CYS A 407 11.34 30.65 5.26
CA CYS A 407 12.13 30.33 4.10
C CYS A 407 11.96 31.47 3.11
N VAL A 408 13.06 31.86 2.46
CA VAL A 408 13.03 32.85 1.39
C VAL A 408 13.82 32.33 0.20
N ASP A 409 13.55 32.90 -0.96
CA ASP A 409 14.16 32.47 -2.22
C ASP A 409 14.61 33.71 -2.97
N PHE A 410 15.91 33.93 -3.00
CA PHE A 410 16.45 35.17 -3.55
C PHE A 410 16.97 34.96 -4.97
N PRO A 411 16.58 35.78 -5.93
CA PRO A 411 17.27 35.75 -7.23
C PRO A 411 18.73 36.09 -7.06
N ILE A 412 19.59 35.26 -7.65
CA ILE A 412 21.02 35.48 -7.57
C ILE A 412 21.38 36.72 -8.39
N LYS A 413 21.97 37.72 -7.74
CA LYS A 413 22.36 38.95 -8.40
C LYS A 413 23.45 39.61 -7.57
N ASP A 414 23.97 40.73 -8.09
CA ASP A 414 25.10 41.40 -7.45
C ASP A 414 24.72 41.86 -6.05
N GLY A 415 25.61 41.58 -5.10
CA GLY A 415 25.44 42.01 -3.72
C GLY A 415 24.76 40.99 -2.83
N LEU A 416 24.14 39.97 -3.41
CA LEU A 416 23.35 39.03 -2.59
C LEU A 416 24.24 38.25 -1.63
N GLY A 417 25.35 37.72 -2.12
CA GLY A 417 26.28 37.01 -1.27
C GLY A 417 26.60 37.78 -0.02
N LYS A 418 27.12 39.00 -0.19
CA LYS A 418 27.49 39.80 0.96
C LYS A 418 26.28 40.16 1.81
N PHE A 419 25.11 40.35 1.19
CA PHE A 419 23.96 40.66 2.02
C PHE A 419 23.52 39.47 2.86
N VAL A 420 23.67 38.25 2.35
CA VAL A 420 23.24 37.10 3.13
C VAL A 420 24.25 36.80 4.25
N SER A 421 25.54 37.07 4.04
CA SER A 421 26.48 36.98 5.14
C SER A 421 26.07 37.88 6.30
N GLU A 422 25.55 39.07 6.01
CA GLU A 422 25.04 39.92 7.07
C GLU A 422 23.80 39.30 7.71
N LEU A 423 22.90 38.74 6.91
CA LEU A 423 21.78 38.00 7.46
C LEU A 423 22.26 36.93 8.44
N ASP A 424 23.24 36.15 8.02
CA ASP A 424 23.82 35.15 8.93
C ASP A 424 24.10 35.79 10.28
N ARG A 425 24.76 36.95 10.25
CA ARG A 425 25.19 37.63 11.45
C ARG A 425 24.01 38.02 12.34
N ARG A 426 22.97 38.60 11.75
CA ARG A 426 21.80 38.95 12.56
C ARG A 426 21.07 37.70 13.04
N VAL A 427 21.00 36.66 12.21
CA VAL A 427 20.36 35.43 12.67
C VAL A 427 21.10 34.87 13.89
N LEU A 428 22.43 34.80 13.77
CA LEU A 428 23.25 34.32 14.89
C LEU A 428 23.10 35.20 16.12
N GLU A 429 23.18 36.52 15.94
CA GLU A 429 23.07 37.46 17.05
C GLU A 429 21.77 37.27 17.81
N PHE A 430 20.69 36.94 17.10
CA PHE A 430 19.37 36.84 17.71
C PHE A 430 19.04 35.42 18.15
N GLY A 431 20.06 34.56 18.26
CA GLY A 431 19.87 33.23 18.82
C GLY A 431 19.38 32.17 17.86
N GLY A 432 19.30 32.48 16.57
CA GLY A 432 18.75 31.57 15.59
C GLY A 432 19.81 30.74 14.88
N ARG A 433 19.39 30.13 13.78
CA ARG A 433 20.31 29.29 13.04
C ARG A 433 19.81 29.07 11.63
N LEU A 434 20.73 28.61 10.79
CA LEU A 434 20.44 28.16 9.44
C LEU A 434 20.29 26.65 9.39
N TYR A 435 19.68 26.20 8.29
CA TYR A 435 19.38 24.80 8.00
C TYR A 435 20.39 24.26 7.02
N THR A 436 21.11 23.20 7.41
CA THR A 436 22.12 22.63 6.52
C THR A 436 21.52 22.16 5.21
N ALA A 437 20.30 21.63 5.24
CA ALA A 437 19.66 21.17 4.01
C ALA A 437 19.41 22.29 3.03
N LYS A 438 19.51 23.55 3.46
CA LYS A 438 19.31 24.68 2.56
C LYS A 438 20.59 25.46 2.30
N ASP A 439 21.74 25.04 2.83
CA ASP A 439 22.92 25.89 2.84
C ASP A 439 24.12 25.27 2.16
N SER A 440 24.89 26.14 1.48
CA SER A 440 26.16 25.76 0.89
C SER A 440 27.19 26.89 0.98
N ARG A 441 26.87 28.01 1.67
CA ARG A 441 27.79 29.13 1.67
C ARG A 441 28.10 29.77 3.02
N THR A 442 27.54 29.30 4.13
CA THR A 442 27.88 29.90 5.41
C THR A 442 29.25 29.39 5.87
N THR A 443 29.76 30.02 6.93
CA THR A 443 31.10 29.72 7.41
C THR A 443 31.06 28.84 8.64
N ALA A 444 32.14 28.09 8.84
CA ALA A 444 32.25 27.23 10.02
C ALA A 444 32.05 28.01 11.31
N GLU A 445 32.66 29.19 11.42
CA GLU A 445 32.57 29.94 12.68
C GLU A 445 31.13 30.35 12.95
N THR A 446 30.43 30.82 11.92
CA THR A 446 29.01 31.14 12.03
C THR A 446 28.20 29.90 12.43
N PHE A 447 28.41 28.80 11.70
CA PHE A 447 27.66 27.58 11.98
C PHE A 447 27.94 27.08 13.39
N HIS A 448 29.18 27.15 13.85
CA HIS A 448 29.50 26.60 15.15
C HIS A 448 28.88 27.43 16.29
N ALA A 449 28.74 28.74 16.10
CA ALA A 449 28.07 29.57 17.09
C ALA A 449 26.57 29.39 17.06
N MET A 450 25.99 29.16 15.87
CA MET A 450 24.56 28.91 15.76
C MET A 450 24.18 27.62 16.46
N TYR A 451 25.10 26.65 16.50
CA TYR A 451 24.85 25.29 16.99
C TYR A 451 25.78 25.05 18.17
N PRO A 452 25.37 25.47 19.38
CA PRO A 452 26.30 25.40 20.54
C PRO A 452 26.60 23.99 21.02
N ARG A 453 25.89 22.98 20.53
CA ARG A 453 26.19 21.60 20.87
C ARG A 453 27.02 20.91 19.80
N VAL A 454 27.54 21.67 18.83
CA VAL A 454 28.38 21.07 17.79
C VAL A 454 29.51 20.27 18.42
N ASP A 455 30.24 20.88 19.35
CA ASP A 455 31.36 20.18 19.98
C ASP A 455 30.89 18.87 20.62
N GLU A 456 29.76 18.89 21.32
CA GLU A 456 29.19 17.65 21.83
C GLU A 456 28.98 16.67 20.68
N TRP A 457 28.41 17.14 19.57
CA TRP A 457 28.22 16.29 18.40
C TRP A 457 29.56 15.81 17.85
N ILE A 458 30.52 16.71 17.66
CA ILE A 458 31.79 16.32 17.04
C ILE A 458 32.46 15.21 17.86
N SER A 459 32.34 15.28 19.18
CA SER A 459 32.92 14.24 20.03
C SER A 459 32.33 12.88 19.70
N VAL A 460 31.00 12.79 19.64
CA VAL A 460 30.37 11.52 19.25
C VAL A 460 30.90 11.09 17.89
N ARG A 461 30.99 12.02 16.95
CA ARG A 461 31.38 11.64 15.60
C ARG A 461 32.80 11.10 15.55
N ARG A 462 33.68 11.66 16.37
CA ARG A 462 35.07 11.22 16.37
C ARG A 462 35.22 9.85 17.00
N LYS A 463 34.37 9.52 17.96
CA LYS A 463 34.42 8.18 18.52
C LYS A 463 34.02 7.12 17.50
N VAL A 464 33.02 7.42 16.66
CA VAL A 464 32.49 6.41 15.76
C VAL A 464 33.22 6.40 14.41
N ASP A 465 33.92 7.48 14.07
CA ASP A 465 34.70 7.56 12.81
C ASP A 465 36.00 8.29 13.09
N PRO A 466 36.96 7.63 13.76
CA PRO A 466 38.22 8.31 14.06
C PRO A 466 39.05 8.58 12.81
N LEU A 467 38.94 7.72 11.79
CA LEU A 467 39.72 7.83 10.58
C LEU A 467 39.03 8.65 9.50
N ARG A 468 37.93 9.33 9.83
CA ARG A 468 37.22 10.21 8.90
C ARG A 468 36.82 9.46 7.63
N VAL A 469 36.33 8.23 7.82
CA VAL A 469 35.83 7.44 6.70
C VAL A 469 34.66 8.13 6.03
N PHE A 470 33.84 8.82 6.80
CA PHE A 470 32.67 9.51 6.27
C PHE A 470 32.94 11.00 6.22
N ALA A 471 32.73 11.59 5.05
CA ALA A 471 33.09 12.97 4.81
C ALA A 471 32.31 13.52 3.63
N SER A 472 32.13 14.83 3.65
CA SER A 472 31.37 15.53 2.62
C SER A 472 31.96 16.92 2.46
N ASP A 473 31.66 17.55 1.32
CA ASP A 473 32.00 18.94 1.16
C ASP A 473 31.55 19.75 2.37
N MET A 474 30.28 19.59 2.76
CA MET A 474 29.75 20.35 3.88
C MET A 474 30.61 20.18 5.12
N ALA A 475 30.97 18.93 5.45
CA ALA A 475 31.75 18.67 6.66
C ALA A 475 33.08 19.42 6.63
N ARG A 476 33.72 19.48 5.46
CA ARG A 476 34.98 20.22 5.36
C ARG A 476 34.73 21.72 5.46
N ARG A 477 33.71 22.21 4.76
CA ARG A 477 33.38 23.64 4.81
C ARG A 477 33.00 24.06 6.23
N LEU A 478 32.17 23.28 6.90
CA LEU A 478 31.67 23.65 8.21
C LEU A 478 32.54 23.11 9.32
N GLU A 479 33.67 22.47 9.00
CA GLU A 479 34.61 21.97 10.01
C GLU A 479 33.89 21.03 10.99
N LEU A 480 33.38 19.92 10.43
CA LEU A 480 32.65 18.93 11.21
C LEU A 480 33.38 17.59 11.25
N LEU A 481 34.52 17.45 10.59
CA LEU A 481 35.29 16.21 10.70
C LEU A 481 36.03 16.12 12.02
N THR B 27 -30.73 -3.83 16.60
CA THR B 27 -29.55 -3.72 15.75
C THR B 27 -29.46 -4.85 14.73
N THR B 28 -30.50 -5.03 13.93
CA THR B 28 -30.54 -6.17 13.01
C THR B 28 -31.64 -5.96 11.96
N THR B 29 -31.26 -5.34 10.84
CA THR B 29 -32.20 -5.12 9.75
C THR B 29 -32.56 -6.45 9.08
N ALA B 30 -33.83 -6.58 8.72
CA ALA B 30 -34.32 -7.77 8.02
C ALA B 30 -34.29 -7.49 6.52
N THR B 31 -33.39 -8.17 5.82
CA THR B 31 -33.17 -7.97 4.39
C THR B 31 -33.46 -9.26 3.65
N ARG B 32 -34.00 -9.14 2.43
CA ARG B 32 -34.19 -10.29 1.56
C ARG B 32 -32.96 -10.42 0.67
N LEU B 33 -32.41 -11.61 0.59
CA LEU B 33 -31.10 -11.84 0.00
C LEU B 33 -31.18 -12.76 -1.20
N THR B 34 -30.24 -12.56 -2.12
CA THR B 34 -30.11 -13.42 -3.27
C THR B 34 -28.63 -13.52 -3.65
N GLY B 35 -28.31 -14.51 -4.46
CA GLY B 35 -26.99 -14.62 -5.03
C GLY B 35 -26.79 -13.61 -6.13
N TRP B 36 -25.59 -13.65 -6.73
CA TRP B 36 -25.27 -12.74 -7.81
C TRP B 36 -26.19 -12.97 -9.00
N GLY B 37 -26.64 -14.20 -9.20
CA GLY B 37 -27.56 -14.53 -10.26
C GLY B 37 -29.01 -14.23 -9.98
N ARG B 38 -29.30 -13.60 -8.85
CA ARG B 38 -30.66 -13.14 -8.53
C ARG B 38 -31.66 -14.27 -8.75
N THR B 39 -31.70 -15.22 -7.82
CA THR B 39 -32.66 -16.31 -7.87
C THR B 39 -32.83 -16.86 -6.45
N ALA B 40 -34.05 -17.33 -6.17
CA ALA B 40 -34.38 -17.91 -4.87
C ALA B 40 -34.19 -16.89 -3.75
N PRO B 41 -35.01 -15.85 -3.69
CA PRO B 41 -34.88 -14.86 -2.60
C PRO B 41 -35.42 -15.37 -1.28
N SER B 42 -34.65 -15.09 -0.22
CA SER B 42 -35.05 -15.44 1.15
C SER B 42 -34.75 -14.26 2.06
N VAL B 43 -35.61 -14.08 3.06
CA VAL B 43 -35.47 -12.97 4.01
C VAL B 43 -34.69 -13.48 5.23
N ALA B 44 -33.70 -12.70 5.65
CA ALA B 44 -32.91 -13.04 6.83
C ALA B 44 -32.70 -11.79 7.67
N ASN B 45 -32.09 -12.01 8.85
CA ASN B 45 -31.69 -10.93 9.75
C ASN B 45 -30.22 -10.65 9.50
N VAL B 46 -29.93 -9.48 8.96
CA VAL B 46 -28.57 -9.13 8.54
C VAL B 46 -27.94 -8.26 9.61
N LEU B 47 -27.01 -8.84 10.37
CA LEU B 47 -26.16 -8.10 11.30
C LEU B 47 -24.92 -7.60 10.56
N ARG B 48 -24.69 -6.29 10.61
CA ARG B 48 -23.54 -5.68 9.95
C ARG B 48 -22.79 -4.81 10.96
N THR B 49 -21.58 -5.25 11.35
CA THR B 49 -20.79 -4.51 12.33
C THR B 49 -19.29 -4.74 12.24
N PRO B 50 -18.47 -3.69 12.28
CA PRO B 50 -17.02 -3.87 12.35
C PRO B 50 -16.50 -4.26 13.73
N ASP B 51 -17.40 -4.56 14.67
CA ASP B 51 -17.04 -4.90 16.05
C ASP B 51 -17.05 -6.42 16.18
N ALA B 52 -15.85 -7.01 16.28
CA ALA B 52 -15.75 -8.45 16.42
C ALA B 52 -16.49 -8.97 17.64
N GLU B 53 -16.51 -8.19 18.73
CA GLU B 53 -17.21 -8.64 19.92
C GLU B 53 -18.73 -8.67 19.70
N MET B 54 -19.25 -7.78 18.85
CA MET B 54 -20.67 -7.85 18.50
C MET B 54 -20.99 -9.13 17.74
N ILE B 55 -20.08 -9.56 16.88
CA ILE B 55 -20.25 -10.80 16.13
C ILE B 55 -20.22 -11.99 17.08
N VAL B 56 -19.23 -12.02 17.99
CA VAL B 56 -19.12 -13.17 18.89
C VAL B 56 -20.34 -13.27 19.78
N LYS B 57 -20.86 -12.14 20.26
CA LYS B 57 -22.04 -12.17 21.13
C LYS B 57 -23.31 -12.49 20.33
N ALA B 58 -23.37 -12.10 19.06
CA ALA B 58 -24.50 -12.53 18.24
C ALA B 58 -24.47 -14.04 18.05
N VAL B 59 -23.28 -14.62 17.93
CA VAL B 59 -23.15 -16.07 17.78
C VAL B 59 -23.45 -16.78 19.09
N ALA B 60 -23.13 -16.15 20.23
CA ALA B 60 -23.50 -16.73 21.51
C ALA B 60 -25.01 -16.70 21.71
N ARG B 61 -25.68 -15.67 21.21
CA ARG B 61 -27.12 -15.56 21.35
C ARG B 61 -27.84 -16.68 20.60
N VAL B 62 -27.41 -16.96 19.36
CA VAL B 62 -28.00 -18.06 18.61
C VAL B 62 -27.66 -19.39 19.27
N ALA B 63 -26.40 -19.55 19.70
CA ALA B 63 -25.99 -20.79 20.36
C ALA B 63 -26.69 -21.01 21.70
N GLU B 64 -27.32 -19.97 22.27
CA GLU B 64 -28.04 -20.14 23.53
C GLU B 64 -29.41 -20.76 23.32
N SER B 65 -30.16 -20.29 22.30
CA SER B 65 -31.55 -20.67 22.14
C SER B 65 -31.76 -21.83 21.18
N GLY B 66 -30.81 -22.76 21.13
CA GLY B 66 -30.98 -23.99 20.37
C GLY B 66 -30.49 -23.95 18.94
N GLY B 67 -30.22 -22.75 18.41
CA GLY B 67 -29.85 -22.63 17.01
C GLY B 67 -31.01 -22.10 16.18
N GLY B 68 -32.12 -22.82 16.17
CA GLY B 68 -33.20 -22.46 15.27
C GLY B 68 -32.71 -22.54 13.84
N ARG B 69 -32.93 -21.47 13.07
CA ARG B 69 -32.45 -21.40 11.70
C ARG B 69 -30.97 -21.04 11.64
N GLY B 70 -30.30 -20.87 12.78
CA GLY B 70 -28.87 -20.72 12.81
C GLY B 70 -28.38 -19.42 12.19
N ALA B 71 -27.09 -19.42 11.87
CA ALA B 71 -26.45 -18.23 11.32
C ALA B 71 -25.44 -18.64 10.26
N ILE B 72 -25.30 -17.80 9.25
CA ILE B 72 -24.31 -17.99 8.22
C ILE B 72 -23.60 -16.67 8.01
N ALA B 73 -22.29 -16.74 7.75
CA ALA B 73 -21.56 -15.56 7.33
C ALA B 73 -21.91 -15.22 5.89
N ARG B 74 -21.86 -13.93 5.58
CA ARG B 74 -22.02 -13.45 4.22
C ARG B 74 -20.85 -12.52 3.93
N GLY B 75 -20.35 -12.57 2.71
CA GLY B 75 -19.30 -11.67 2.28
C GLY B 75 -19.83 -10.63 1.33
N LEU B 76 -19.26 -10.58 0.13
CA LEU B 76 -19.67 -9.65 -0.93
C LEU B 76 -20.76 -10.25 -1.82
N GLY B 77 -21.27 -11.43 -1.50
CA GLY B 77 -22.42 -11.96 -2.21
C GLY B 77 -22.20 -12.27 -3.67
N ARG B 78 -21.00 -12.68 -4.05
CA ARG B 78 -20.71 -13.01 -5.44
C ARG B 78 -20.94 -14.47 -5.76
N SER B 79 -21.23 -15.31 -4.76
CA SER B 79 -21.67 -16.66 -5.04
C SER B 79 -23.05 -16.62 -5.72
N TYR B 80 -23.13 -17.17 -6.92
CA TYR B 80 -24.43 -17.31 -7.57
C TYR B 80 -25.36 -18.16 -6.72
N GLY B 81 -24.83 -19.16 -6.02
CA GLY B 81 -25.63 -20.08 -5.24
C GLY B 81 -26.28 -19.49 -4.01
N ASP B 82 -26.70 -20.36 -3.09
CA ASP B 82 -27.49 -19.97 -1.92
C ASP B 82 -26.75 -20.27 -0.62
N ASN B 83 -25.41 -20.32 -0.67
CA ASN B 83 -24.64 -20.63 0.52
C ASN B 83 -24.54 -19.45 1.49
N ALA B 84 -24.71 -18.22 0.98
CA ALA B 84 -24.54 -17.01 1.79
C ALA B 84 -25.88 -16.42 2.23
N GLN B 85 -26.92 -17.23 2.31
CA GLN B 85 -28.23 -16.77 2.76
C GLN B 85 -28.82 -17.84 3.65
N ASN B 86 -29.67 -17.42 4.57
CA ASN B 86 -30.19 -18.32 5.59
C ASN B 86 -31.60 -17.88 5.98
N GLY B 87 -32.56 -18.23 5.13
CA GLY B 87 -33.94 -17.86 5.31
C GLY B 87 -34.43 -17.98 6.73
N GLY B 88 -34.94 -16.88 7.28
CA GLY B 88 -35.41 -16.87 8.64
C GLY B 88 -34.34 -17.13 9.68
N GLY B 89 -33.08 -16.88 9.34
CA GLY B 89 -32.01 -17.00 10.30
C GLY B 89 -31.11 -15.78 10.33
N LEU B 90 -29.96 -15.88 10.96
CA LEU B 90 -29.02 -14.76 11.03
C LEU B 90 -28.06 -14.81 9.86
N VAL B 91 -27.81 -13.64 9.27
CA VAL B 91 -26.81 -13.46 8.22
C VAL B 91 -25.87 -12.36 8.70
N ILE B 92 -24.62 -12.71 8.96
CA ILE B 92 -23.64 -11.75 9.45
C ILE B 92 -22.88 -11.21 8.25
N ASP B 93 -23.13 -9.93 7.92
CA ASP B 93 -22.39 -9.24 6.86
C ASP B 93 -20.99 -8.94 7.38
N MET B 94 -19.98 -9.61 6.82
CA MET B 94 -18.63 -9.52 7.35
C MET B 94 -17.78 -8.45 6.68
N THR B 95 -18.31 -7.76 5.67
CA THR B 95 -17.51 -6.77 4.98
C THR B 95 -17.00 -5.65 5.87
N PRO B 96 -17.68 -5.24 6.95
CA PRO B 96 -17.12 -4.16 7.79
C PRO B 96 -15.83 -4.56 8.51
N LEU B 97 -15.49 -5.85 8.52
CA LEU B 97 -14.28 -6.36 9.17
C LEU B 97 -13.20 -6.40 8.09
N ASN B 98 -12.66 -5.24 7.75
CA ASN B 98 -11.83 -5.12 6.55
C ASN B 98 -10.46 -4.52 6.87
N THR B 99 -9.97 -4.70 8.09
CA THR B 99 -8.64 -4.25 8.43
C THR B 99 -7.57 -5.16 7.85
N ILE B 100 -6.58 -4.55 7.21
CA ILE B 100 -5.33 -5.24 6.86
C ILE B 100 -4.38 -5.04 8.04
N HIS B 101 -4.03 -6.12 8.72
CA HIS B 101 -3.26 -5.98 9.94
C HIS B 101 -1.77 -5.82 9.66
N SER B 102 -1.22 -6.61 8.75
CA SER B 102 0.18 -6.51 8.42
C SER B 102 0.44 -7.15 7.07
N ILE B 103 1.47 -6.63 6.40
CA ILE B 103 2.04 -7.24 5.20
C ILE B 103 3.56 -7.22 5.38
N ASP B 104 4.23 -8.23 4.82
CA ASP B 104 5.65 -8.47 5.11
C ASP B 104 6.28 -9.03 3.84
N ALA B 105 7.12 -8.24 3.18
CA ALA B 105 7.73 -8.70 1.93
C ALA B 105 8.70 -9.85 2.16
N ASP B 106 9.25 -10.00 3.36
CA ASP B 106 10.31 -10.95 3.59
C ASP B 106 9.75 -12.35 3.83
N THR B 107 8.73 -12.46 4.68
CA THR B 107 8.03 -13.74 4.87
C THR B 107 7.01 -13.98 3.78
N LYS B 108 6.61 -12.94 3.05
CA LYS B 108 5.61 -13.05 1.99
C LYS B 108 4.21 -13.31 2.55
N LEU B 109 3.97 -12.87 3.79
CA LEU B 109 2.73 -13.14 4.48
C LEU B 109 1.91 -11.88 4.72
N VAL B 110 0.60 -11.97 4.48
CA VAL B 110 -0.35 -10.92 4.78
C VAL B 110 -1.33 -11.43 5.83
N ASP B 111 -1.68 -10.58 6.77
CA ASP B 111 -2.54 -10.89 7.91
C ASP B 111 -3.72 -9.92 7.88
N ILE B 112 -4.90 -10.47 7.56
CA ILE B 112 -6.03 -9.63 7.18
C ILE B 112 -7.32 -10.15 7.81
N ASP B 113 -8.25 -9.22 8.06
CA ASP B 113 -9.60 -9.57 8.46
C ASP B 113 -10.35 -10.23 7.30
N ALA B 114 -11.34 -11.08 7.64
CA ALA B 114 -12.03 -11.89 6.63
C ALA B 114 -12.91 -11.06 5.70
N GLY B 115 -13.29 -9.86 6.11
CA GLY B 115 -14.06 -8.98 5.23
C GLY B 115 -13.24 -8.32 4.14
N VAL B 116 -11.91 -8.31 4.27
CA VAL B 116 -11.05 -7.75 3.24
C VAL B 116 -11.34 -8.40 1.88
N ASN B 117 -11.47 -7.58 0.84
CA ASN B 117 -11.69 -8.13 -0.49
C ASN B 117 -10.37 -8.20 -1.26
N LEU B 118 -10.38 -9.01 -2.31
CA LEU B 118 -9.13 -9.34 -3.00
C LEU B 118 -8.58 -8.17 -3.80
N ASP B 119 -9.43 -7.22 -4.17
CA ASP B 119 -8.97 -6.03 -4.89
C ASP B 119 -8.25 -5.08 -3.95
N GLN B 120 -8.87 -4.80 -2.79
CA GLN B 120 -8.20 -4.11 -1.70
C GLN B 120 -6.86 -4.75 -1.37
N LEU B 121 -6.82 -6.09 -1.32
CA LEU B 121 -5.58 -6.78 -0.94
C LEU B 121 -4.52 -6.67 -2.04
N MET B 122 -4.93 -6.85 -3.30
CA MET B 122 -3.97 -6.74 -4.39
C MET B 122 -3.30 -5.39 -4.39
N LYS B 123 -4.06 -4.32 -4.15
CA LYS B 123 -3.49 -2.98 -4.21
C LYS B 123 -2.62 -2.69 -2.98
N ALA B 124 -3.01 -3.21 -1.81
CA ALA B 124 -2.18 -3.01 -0.63
C ALA B 124 -0.85 -3.75 -0.76
N ALA B 125 -0.84 -4.90 -1.43
CA ALA B 125 0.32 -5.79 -1.40
C ALA B 125 1.29 -5.60 -2.55
N LEU B 126 0.86 -5.02 -3.66
CA LEU B 126 1.77 -4.85 -4.78
C LEU B 126 2.98 -4.01 -4.43
N PRO B 127 2.89 -2.96 -3.61
CA PRO B 127 4.10 -2.19 -3.25
C PRO B 127 5.11 -2.98 -2.46
N PHE B 128 4.74 -4.18 -1.98
CA PHE B 128 5.67 -5.04 -1.28
C PHE B 128 6.26 -6.11 -2.19
N GLY B 129 5.98 -6.05 -3.49
CA GLY B 129 6.37 -7.11 -4.39
C GLY B 129 5.58 -8.38 -4.24
N LEU B 130 4.32 -8.30 -3.79
CA LEU B 130 3.54 -9.50 -3.49
C LEU B 130 2.27 -9.53 -4.32
N TRP B 131 1.95 -10.74 -4.80
CA TRP B 131 0.83 -10.97 -5.70
C TRP B 131 -0.13 -11.97 -5.08
N VAL B 132 -1.43 -11.64 -5.09
CA VAL B 132 -2.46 -12.53 -4.60
C VAL B 132 -2.35 -13.85 -5.32
N PRO B 133 -2.19 -14.98 -4.61
CA PRO B 133 -1.80 -16.22 -5.30
C PRO B 133 -2.93 -16.89 -6.09
N VAL B 134 -4.19 -16.55 -5.84
CA VAL B 134 -5.30 -17.07 -6.63
C VAL B 134 -6.32 -15.96 -6.79
N LEU B 135 -6.62 -15.61 -8.04
CA LEU B 135 -7.57 -14.55 -8.37
C LEU B 135 -8.69 -15.16 -9.20
N PRO B 136 -9.95 -15.01 -8.81
CA PRO B 136 -11.06 -15.45 -9.64
C PRO B 136 -11.37 -14.36 -10.67
N GLY B 137 -12.31 -14.66 -11.55
CA GLY B 137 -12.65 -13.75 -12.65
C GLY B 137 -13.18 -12.40 -12.19
N THR B 138 -13.53 -12.26 -10.91
CA THR B 138 -13.84 -10.97 -10.32
C THR B 138 -12.96 -10.78 -9.08
N ARG B 139 -12.60 -9.54 -8.80
CA ARG B 139 -11.79 -9.24 -7.63
C ARG B 139 -12.63 -8.78 -6.45
N GLN B 140 -13.94 -8.62 -6.63
CA GLN B 140 -14.83 -8.21 -5.55
C GLN B 140 -15.35 -9.45 -4.83
N VAL B 141 -14.44 -10.12 -4.15
CA VAL B 141 -14.76 -11.23 -3.26
C VAL B 141 -13.93 -11.07 -2.00
N THR B 142 -14.51 -11.46 -0.86
CA THR B 142 -13.82 -11.34 0.42
C THR B 142 -12.90 -12.54 0.62
N VAL B 143 -11.98 -12.39 1.57
CA VAL B 143 -11.05 -13.46 1.89
C VAL B 143 -11.77 -14.64 2.53
N GLY B 144 -12.78 -14.37 3.34
CA GLY B 144 -13.55 -15.45 3.94
C GLY B 144 -14.38 -16.20 2.91
N GLY B 145 -14.94 -15.48 1.95
CA GLY B 145 -15.63 -16.15 0.85
C GLY B 145 -14.66 -16.91 -0.04
N ALA B 146 -13.45 -16.38 -0.22
CA ALA B 146 -12.46 -17.08 -1.02
C ALA B 146 -12.05 -18.39 -0.36
N ILE B 147 -11.98 -18.42 0.97
CA ILE B 147 -11.64 -19.64 1.68
C ILE B 147 -12.83 -20.59 1.70
N ALA B 148 -14.01 -20.05 2.05
CA ALA B 148 -15.20 -20.85 2.25
C ALA B 148 -15.64 -21.57 0.97
N CYS B 149 -15.33 -21.00 -0.19
CA CYS B 149 -15.59 -21.66 -1.46
C CYS B 149 -14.33 -22.20 -2.11
N ASP B 150 -13.20 -22.18 -1.39
CA ASP B 150 -11.91 -22.63 -1.94
C ASP B 150 -11.78 -22.22 -3.41
N ILE B 151 -11.68 -20.92 -3.69
CA ILE B 151 -11.86 -20.46 -5.06
C ILE B 151 -10.65 -20.83 -5.91
N HIS B 152 -10.87 -20.92 -7.21
CA HIS B 152 -9.87 -21.26 -8.19
C HIS B 152 -9.77 -20.17 -9.24
N GLY B 153 -8.72 -20.24 -10.05
CA GLY B 153 -8.53 -19.26 -11.11
C GLY B 153 -7.72 -19.77 -12.29
N LYS B 154 -7.34 -18.85 -13.18
CA LYS B 154 -6.63 -19.23 -14.39
C LYS B 154 -5.30 -19.91 -14.11
N ASN B 155 -4.76 -19.76 -12.90
CA ASN B 155 -3.50 -20.41 -12.55
C ASN B 155 -3.74 -21.67 -11.73
N HIS B 156 -4.94 -22.27 -11.80
CA HIS B 156 -5.19 -23.41 -10.93
C HIS B 156 -4.13 -24.48 -11.13
N HIS B 157 -3.80 -24.77 -12.39
CA HIS B 157 -2.90 -25.88 -12.71
C HIS B 157 -1.50 -25.68 -12.17
N SER B 158 -1.11 -24.45 -11.85
CA SER B 158 0.21 -24.19 -11.29
C SER B 158 0.20 -23.79 -9.82
N ALA B 159 -0.88 -23.18 -9.34
CA ALA B 159 -0.93 -22.69 -7.97
C ALA B 159 -1.95 -23.40 -7.09
N GLY B 160 -2.80 -24.26 -7.65
CA GLY B 160 -3.87 -24.85 -6.86
C GLY B 160 -4.99 -23.85 -6.63
N SER B 161 -5.75 -24.08 -5.57
CA SER B 161 -6.86 -23.20 -5.22
C SER B 161 -6.47 -22.32 -4.03
N PHE B 162 -7.41 -21.46 -3.62
CA PHE B 162 -7.12 -20.46 -2.60
C PHE B 162 -6.66 -21.12 -1.30
N GLY B 163 -7.28 -22.23 -0.93
CA GLY B 163 -6.97 -22.84 0.35
C GLY B 163 -5.53 -23.28 0.46
N ASN B 164 -4.89 -23.56 -0.69
CA ASN B 164 -3.50 -24.02 -0.70
C ASN B 164 -2.53 -22.97 -0.14
N HIS B 165 -2.94 -21.70 -0.13
CA HIS B 165 -2.06 -20.61 0.24
C HIS B 165 -2.40 -20.00 1.59
N VAL B 166 -3.41 -20.52 2.26
CA VAL B 166 -3.74 -20.07 3.60
C VAL B 166 -2.79 -20.74 4.58
N ARG B 167 -2.02 -19.93 5.32
CA ARG B 167 -1.10 -20.47 6.31
C ARG B 167 -1.71 -20.57 7.70
N SER B 168 -2.80 -19.87 7.96
CA SER B 168 -3.52 -19.96 9.23
C SER B 168 -4.80 -19.14 9.10
N MET B 169 -5.80 -19.50 9.91
CA MET B 169 -7.00 -18.68 9.98
C MET B 169 -7.58 -18.78 11.39
N ASP B 170 -8.37 -17.76 11.74
CA ASP B 170 -9.01 -17.69 13.06
C ASP B 170 -10.50 -17.90 12.85
N LEU B 171 -11.03 -18.99 13.41
CA LEU B 171 -12.40 -19.43 13.15
C LEU B 171 -13.22 -19.33 14.42
N LEU B 172 -14.29 -18.54 14.37
CA LEU B 172 -15.27 -18.46 15.45
C LEU B 172 -16.19 -19.67 15.35
N THR B 173 -15.99 -20.65 16.23
CA THR B 173 -16.79 -21.86 16.25
C THR B 173 -18.10 -21.60 16.98
N ALA B 174 -18.97 -22.63 17.02
CA ALA B 174 -20.32 -22.43 17.54
C ALA B 174 -20.33 -22.22 19.04
N ASP B 175 -19.36 -22.81 19.77
CA ASP B 175 -19.32 -22.63 21.21
C ASP B 175 -18.88 -21.24 21.62
N GLY B 176 -18.35 -20.44 20.69
CA GLY B 176 -17.95 -19.08 20.98
C GLY B 176 -16.45 -18.85 21.04
N GLU B 177 -15.65 -19.92 21.06
CA GLU B 177 -14.21 -19.78 21.02
C GLU B 177 -13.74 -19.46 19.60
N ILE B 178 -12.68 -18.67 19.51
CA ILE B 178 -12.03 -18.34 18.25
C ILE B 178 -10.77 -19.19 18.18
N ARG B 179 -10.82 -20.24 17.36
CA ARG B 179 -9.69 -21.15 17.22
C ARG B 179 -8.72 -20.68 16.15
N HIS B 180 -7.42 -20.90 16.39
CA HIS B 180 -6.35 -20.64 15.44
C HIS B 180 -6.05 -21.95 14.71
N LEU B 181 -6.46 -22.03 13.44
CA LEU B 181 -6.29 -23.24 12.63
C LEU B 181 -5.09 -23.11 11.71
N THR B 182 -4.42 -24.24 11.47
CA THR B 182 -3.29 -24.29 10.55
C THR B 182 -3.40 -25.55 9.71
N PRO B 183 -2.79 -25.57 8.51
CA PRO B 183 -3.00 -26.70 7.60
C PRO B 183 -2.31 -27.99 8.02
N THR B 184 -1.14 -27.92 8.66
CA THR B 184 -0.44 -29.12 9.11
C THR B 184 -0.52 -29.36 10.61
N GLY B 185 -1.00 -28.39 11.38
CA GLY B 185 -1.03 -28.50 12.83
C GLY B 185 -1.94 -29.59 13.32
N GLU B 186 -2.31 -29.49 14.61
CA GLU B 186 -3.20 -30.47 15.22
C GLU B 186 -4.66 -30.27 14.83
N ASP B 187 -5.04 -29.07 14.42
CA ASP B 187 -6.40 -28.79 13.99
C ASP B 187 -6.54 -28.84 12.47
N ALA B 188 -5.54 -29.39 11.78
CA ALA B 188 -5.55 -29.49 10.33
C ALA B 188 -6.88 -29.97 9.77
N GLU B 189 -7.51 -30.93 10.44
CA GLU B 189 -8.74 -31.53 9.92
C GLU B 189 -9.87 -30.51 9.85
N LEU B 190 -10.01 -29.69 10.89
CA LEU B 190 -11.00 -28.62 10.89
C LEU B 190 -10.61 -27.49 9.96
N PHE B 191 -9.29 -27.24 9.81
CA PHE B 191 -8.82 -26.30 8.80
C PHE B 191 -9.29 -26.70 7.41
N TRP B 192 -9.00 -27.95 7.00
CA TRP B 192 -9.34 -28.39 5.65
C TRP B 192 -10.82 -28.65 5.46
N ALA B 193 -11.60 -28.67 6.54
CA ALA B 193 -13.05 -28.66 6.46
C ALA B 193 -13.57 -27.24 6.29
N THR B 194 -12.87 -26.26 6.84
CA THR B 194 -13.28 -24.87 6.65
C THR B 194 -12.98 -24.41 5.23
N VAL B 195 -11.84 -24.81 4.67
CA VAL B 195 -11.61 -24.60 3.24
C VAL B 195 -12.72 -25.24 2.45
N GLY B 196 -13.39 -24.46 1.63
CA GLY B 196 -14.46 -24.98 0.82
C GLY B 196 -15.69 -25.41 1.60
N GLY B 197 -15.70 -25.27 2.92
CA GLY B 197 -16.81 -25.70 3.74
C GLY B 197 -17.95 -24.70 3.79
N ASN B 198 -18.02 -23.81 2.80
CA ASN B 198 -19.13 -22.84 2.66
C ASN B 198 -19.58 -22.26 4.00
N GLY B 199 -18.63 -22.08 4.91
CA GLY B 199 -18.91 -21.36 6.14
C GLY B 199 -19.67 -22.13 7.19
N LEU B 200 -19.70 -23.46 7.11
CA LEU B 200 -20.49 -24.26 8.04
C LEU B 200 -19.68 -24.84 9.18
N THR B 201 -18.41 -24.49 9.28
CA THR B 201 -17.64 -24.77 10.49
C THR B 201 -17.59 -23.57 11.43
N GLY B 202 -18.12 -22.43 10.99
CA GLY B 202 -18.15 -21.21 11.76
C GLY B 202 -17.72 -20.03 10.92
N ILE B 203 -17.46 -18.91 11.58
CA ILE B 203 -17.13 -17.66 10.92
C ILE B 203 -15.61 -17.47 10.97
N ILE B 204 -15.02 -17.34 9.78
CA ILE B 204 -13.62 -16.96 9.66
C ILE B 204 -13.51 -15.47 10.01
N MET B 205 -12.75 -15.17 11.05
CA MET B 205 -12.54 -13.79 11.47
C MET B 205 -11.33 -13.16 10.83
N ARG B 206 -10.29 -13.95 10.59
CA ARG B 206 -8.97 -13.45 10.24
C ARG B 206 -8.21 -14.59 9.59
N ALA B 207 -7.21 -14.21 8.80
CA ALA B 207 -6.45 -15.20 8.07
C ALA B 207 -5.08 -14.65 7.76
N THR B 208 -4.12 -15.56 7.67
CA THR B 208 -2.79 -15.27 7.17
C THR B 208 -2.63 -16.03 5.85
N ILE B 209 -2.23 -15.30 4.81
CA ILE B 209 -2.05 -15.84 3.47
C ILE B 209 -0.58 -15.71 3.11
N GLU B 210 -0.01 -16.75 2.51
CA GLU B 210 1.29 -16.60 1.88
C GLU B 210 1.07 -16.13 0.44
N MET B 211 1.65 -14.98 0.10
CA MET B 211 1.46 -14.39 -1.22
C MET B 211 2.55 -14.88 -2.17
N THR B 212 2.40 -14.50 -3.44
CA THR B 212 3.34 -14.91 -4.46
C THR B 212 4.24 -13.72 -4.78
N PRO B 213 5.56 -13.86 -4.66
CA PRO B 213 6.44 -12.72 -4.97
C PRO B 213 6.42 -12.38 -6.45
N THR B 214 6.52 -11.10 -6.73
CA THR B 214 6.53 -10.64 -8.10
C THR B 214 7.35 -9.36 -8.19
N SER B 215 8.05 -9.20 -9.31
CA SER B 215 8.72 -7.93 -9.58
C SER B 215 7.86 -6.95 -10.37
N THR B 216 6.75 -7.41 -10.93
CA THR B 216 5.89 -6.54 -11.70
C THR B 216 4.43 -6.89 -11.47
N ALA B 217 3.57 -5.97 -11.88
CA ALA B 217 2.13 -6.18 -11.91
C ALA B 217 1.62 -6.44 -13.33
N TYR B 218 2.48 -6.98 -14.20
CA TYR B 218 2.09 -7.26 -15.58
C TYR B 218 2.35 -8.72 -15.93
N PHE B 219 1.63 -9.18 -16.95
CA PHE B 219 1.86 -10.48 -17.54
C PHE B 219 2.54 -10.38 -18.89
N ILE B 220 3.25 -11.44 -19.25
CA ILE B 220 3.63 -11.71 -20.63
C ILE B 220 2.76 -12.87 -21.10
N ALA B 221 2.05 -12.65 -22.20
CA ALA B 221 0.97 -13.52 -22.60
C ALA B 221 1.13 -13.98 -24.04
N ASP B 222 1.00 -15.29 -24.24
CA ASP B 222 0.95 -15.90 -25.57
C ASP B 222 -0.49 -16.28 -25.89
N GLY B 223 -0.97 -15.84 -27.05
CA GLY B 223 -2.31 -16.17 -27.50
C GLY B 223 -2.25 -17.25 -28.62
N ASP B 224 -3.24 -18.12 -28.60
CA ASP B 224 -3.37 -19.16 -29.61
C ASP B 224 -4.83 -19.33 -29.95
N VAL B 225 -5.08 -19.92 -31.12
CA VAL B 225 -6.43 -20.26 -31.53
C VAL B 225 -6.41 -21.69 -32.05
N THR B 226 -7.58 -22.32 -32.01
CA THR B 226 -7.76 -23.66 -32.55
C THR B 226 -8.98 -23.66 -33.45
N ALA B 227 -9.02 -24.64 -34.33
CA ALA B 227 -10.15 -24.78 -35.25
C ALA B 227 -11.18 -25.77 -34.75
N SER B 228 -10.83 -26.65 -33.82
CA SER B 228 -11.78 -27.64 -33.36
C SER B 228 -11.49 -28.09 -31.95
N LEU B 229 -12.49 -28.77 -31.37
CA LEU B 229 -12.39 -29.28 -30.01
C LEU B 229 -11.23 -30.27 -29.88
N ASP B 230 -11.10 -31.20 -30.83
CA ASP B 230 -9.97 -32.12 -30.78
C ASP B 230 -8.66 -31.35 -30.72
N GLU B 231 -8.59 -30.25 -31.48
CA GLU B 231 -7.40 -29.41 -31.45
C GLU B 231 -7.22 -28.77 -30.08
N THR B 232 -8.27 -28.15 -29.55
CA THR B 232 -8.21 -27.55 -28.22
C THR B 232 -7.73 -28.56 -27.20
N ILE B 233 -8.21 -29.80 -27.28
CA ILE B 233 -7.81 -30.83 -26.32
C ILE B 233 -6.32 -31.13 -26.44
N ALA B 234 -5.82 -31.18 -27.67
CA ALA B 234 -4.41 -31.53 -27.90
C ALA B 234 -3.48 -30.42 -27.44
N LEU B 235 -3.84 -29.16 -27.72
CA LEU B 235 -3.01 -28.06 -27.26
C LEU B 235 -2.88 -28.04 -25.75
N HIS B 236 -3.89 -28.56 -25.03
CA HIS B 236 -3.84 -28.68 -23.58
C HIS B 236 -3.19 -29.97 -23.11
N SER B 237 -2.78 -30.85 -24.03
CA SER B 237 -2.15 -32.11 -23.67
C SER B 237 -0.73 -32.28 -24.20
N ASP B 238 -0.27 -31.41 -25.08
CA ASP B 238 1.03 -31.59 -25.71
C ASP B 238 2.20 -31.15 -24.82
N GLY B 239 1.94 -30.76 -23.58
CA GLY B 239 2.98 -30.31 -22.68
C GLY B 239 3.13 -28.81 -22.59
N SER B 240 2.44 -28.03 -23.43
CA SER B 240 2.65 -26.59 -23.43
C SER B 240 2.16 -25.96 -22.13
N GLU B 241 1.10 -26.50 -21.53
CA GLU B 241 0.57 -25.90 -20.31
C GLU B 241 1.64 -25.78 -19.21
N ALA B 242 2.73 -26.55 -19.31
CA ALA B 242 3.77 -26.50 -18.29
C ALA B 242 4.65 -25.27 -18.42
N ARG B 243 4.67 -24.63 -19.60
CA ARG B 243 5.48 -23.44 -19.81
C ARG B 243 4.78 -22.18 -19.31
N TYR B 244 3.51 -22.27 -18.92
CA TYR B 244 2.73 -21.15 -18.46
C TYR B 244 2.24 -21.43 -17.04
N THR B 245 2.13 -20.38 -16.23
CA THR B 245 1.51 -20.49 -14.92
C THR B 245 0.02 -20.14 -14.93
N TYR B 246 -0.42 -19.36 -15.91
CA TYR B 246 -1.81 -18.97 -16.10
C TYR B 246 -2.28 -19.44 -17.46
N SER B 247 -3.48 -20.01 -17.52
CA SER B 247 -4.01 -20.50 -18.80
C SER B 247 -5.53 -20.54 -18.72
N SER B 248 -6.20 -20.09 -19.77
CA SER B 248 -7.64 -20.23 -19.87
C SER B 248 -8.01 -19.96 -21.32
N ALA B 249 -9.26 -20.21 -21.67
CA ALA B 249 -9.65 -20.17 -23.07
C ALA B 249 -11.09 -19.75 -23.23
N TRP B 250 -11.35 -18.95 -24.27
CA TRP B 250 -12.71 -18.68 -24.73
C TRP B 250 -13.11 -19.79 -25.69
N PHE B 251 -14.30 -20.35 -25.47
CA PHE B 251 -14.69 -21.65 -25.99
C PHE B 251 -15.89 -21.54 -26.90
N ASP B 252 -15.82 -22.17 -28.07
CA ASP B 252 -16.92 -22.11 -29.03
C ASP B 252 -17.84 -23.29 -28.74
N ALA B 253 -19.03 -23.00 -28.24
CA ALA B 253 -20.02 -24.02 -27.92
C ALA B 253 -21.23 -23.99 -28.85
N ILE B 254 -21.26 -23.11 -29.85
CA ILE B 254 -22.44 -22.94 -30.69
C ILE B 254 -22.23 -23.55 -32.08
N SER B 255 -21.08 -23.31 -32.69
CA SER B 255 -20.81 -23.94 -33.98
C SER B 255 -21.06 -25.44 -33.87
N ALA B 256 -21.55 -26.03 -34.95
CA ALA B 256 -21.67 -27.48 -34.98
C ALA B 256 -20.33 -28.07 -35.42
N PRO B 257 -20.09 -29.34 -35.11
CA PRO B 257 -18.83 -29.98 -35.52
C PRO B 257 -18.57 -29.77 -37.00
N PRO B 258 -17.29 -29.65 -37.41
CA PRO B 258 -16.10 -29.79 -36.56
C PRO B 258 -15.59 -28.51 -35.91
N LYS B 259 -16.22 -27.36 -36.21
CA LYS B 259 -15.81 -26.09 -35.61
C LYS B 259 -16.07 -26.07 -34.11
N LEU B 260 -17.04 -26.85 -33.64
CA LEU B 260 -17.39 -26.88 -32.23
C LEU B 260 -16.17 -27.12 -31.37
N GLY B 261 -16.02 -26.30 -30.34
CA GLY B 261 -14.90 -26.44 -29.44
C GLY B 261 -13.61 -25.84 -29.92
N ARG B 262 -13.61 -25.18 -31.08
CA ARG B 262 -12.51 -24.28 -31.37
C ARG B 262 -12.43 -23.24 -30.26
N ALA B 263 -11.23 -22.73 -30.00
CA ALA B 263 -11.08 -21.81 -28.89
C ALA B 263 -10.02 -20.75 -29.18
N ALA B 264 -10.09 -19.68 -28.40
CA ALA B 264 -9.05 -18.66 -28.30
C ALA B 264 -8.38 -18.82 -26.94
N VAL B 265 -7.08 -19.11 -26.94
CA VAL B 265 -6.37 -19.56 -25.74
C VAL B 265 -5.44 -18.44 -25.29
N SER B 266 -5.57 -18.06 -24.03
CA SER B 266 -4.73 -17.04 -23.41
C SER B 266 -3.90 -17.70 -22.32
N ARG B 267 -2.58 -17.66 -22.48
CA ARG B 267 -1.65 -18.29 -21.55
C ARG B 267 -0.54 -17.30 -21.24
N GLY B 268 0.06 -17.41 -20.07
CA GLY B 268 1.03 -16.41 -19.67
C GLY B 268 1.62 -16.64 -18.30
N ARG B 269 2.60 -15.79 -17.99
CA ARG B 269 3.31 -15.75 -16.72
C ARG B 269 3.32 -14.31 -16.23
N LEU B 270 3.67 -14.14 -14.96
CA LEU B 270 3.99 -12.80 -14.48
C LEU B 270 5.30 -12.33 -15.12
N ALA B 271 5.35 -11.06 -15.47
CA ALA B 271 6.53 -10.51 -16.11
C ALA B 271 7.58 -10.11 -15.09
N THR B 272 8.83 -10.30 -15.47
CA THR B 272 9.95 -9.68 -14.79
C THR B 272 10.10 -8.23 -15.26
N VAL B 273 10.97 -7.48 -14.58
CA VAL B 273 11.23 -6.12 -14.99
C VAL B 273 11.96 -6.12 -16.33
N GLU B 274 12.98 -6.99 -16.46
CA GLU B 274 13.72 -7.04 -17.71
C GLU B 274 12.80 -7.20 -18.92
N GLN B 275 11.65 -7.86 -18.73
CA GLN B 275 10.77 -8.16 -19.84
C GLN B 275 9.85 -7.00 -20.18
N LEU B 276 9.80 -5.97 -19.36
CA LEU B 276 8.93 -4.85 -19.64
C LEU B 276 9.65 -3.82 -20.50
N PRO B 277 8.93 -3.12 -21.40
CA PRO B 277 9.53 -1.97 -22.09
C PRO B 277 9.91 -0.90 -21.08
N ALA B 278 10.93 -0.12 -21.44
CA ALA B 278 11.57 0.77 -20.48
C ALA B 278 10.58 1.72 -19.83
N LYS B 279 9.57 2.18 -20.57
CA LYS B 279 8.63 3.14 -20.00
C LYS B 279 7.91 2.57 -18.78
N LEU B 280 7.83 1.24 -18.65
CA LEU B 280 7.20 0.63 -17.51
C LEU B 280 8.18 0.21 -16.42
N ARG B 281 9.47 0.09 -16.76
CA ARG B 281 10.44 -0.41 -15.80
C ARG B 281 10.60 0.51 -14.59
N SER B 282 10.15 1.75 -14.66
CA SER B 282 10.31 2.69 -13.57
C SER B 282 9.23 2.56 -12.50
N GLU B 283 8.06 2.03 -12.85
CA GLU B 283 6.97 1.81 -11.89
C GLU B 283 6.37 0.42 -12.14
N PRO B 284 7.20 -0.63 -12.09
CA PRO B 284 6.75 -1.93 -12.61
C PRO B 284 5.60 -2.56 -11.84
N LEU B 285 5.28 -2.04 -10.65
CA LEU B 285 4.25 -2.65 -9.81
C LEU B 285 3.01 -1.77 -9.66
N LYS B 286 2.69 -0.97 -10.67
CA LYS B 286 1.70 0.06 -10.52
C LYS B 286 0.34 -0.37 -11.05
N PHE B 287 -0.57 0.61 -11.12
CA PHE B 287 -1.83 0.48 -11.84
C PHE B 287 -2.15 1.73 -12.67
N LEU B 315 -6.02 -19.84 -42.88
CA LEU B 315 -4.76 -19.52 -42.29
C LEU B 315 -4.74 -18.07 -41.75
N TRP B 316 -5.72 -17.26 -42.16
CA TRP B 316 -5.76 -15.89 -41.63
C TRP B 316 -6.30 -15.89 -40.20
N TYR B 317 -7.35 -16.68 -39.95
CA TYR B 317 -7.86 -16.84 -38.60
C TYR B 317 -6.78 -17.25 -37.62
N ARG B 318 -5.88 -18.15 -38.00
CA ARG B 318 -4.82 -18.55 -37.09
C ARG B 318 -3.79 -17.45 -36.91
N LYS B 319 -3.41 -16.75 -37.99
CA LYS B 319 -2.36 -15.74 -37.90
C LYS B 319 -2.83 -14.58 -37.03
N SER B 320 -4.06 -14.09 -37.27
CA SER B 320 -4.56 -12.94 -36.54
C SER B 320 -4.91 -13.26 -35.09
N GLY B 321 -5.13 -14.52 -34.76
CA GLY B 321 -5.49 -14.86 -33.40
C GLY B 321 -4.33 -15.28 -32.54
N THR B 322 -3.13 -15.38 -33.12
CA THR B 322 -1.96 -15.90 -32.44
C THR B 322 -0.98 -14.76 -32.18
N TYR B 323 -0.41 -14.76 -30.98
CA TYR B 323 0.57 -13.74 -30.62
C TYR B 323 1.49 -14.32 -29.56
N ARG B 324 2.65 -13.67 -29.42
CA ARG B 324 3.68 -14.12 -28.50
C ARG B 324 4.23 -12.94 -27.72
N GLY B 325 4.63 -13.22 -26.49
CA GLY B 325 5.28 -12.23 -25.65
C GLY B 325 4.54 -10.91 -25.47
N LYS B 326 3.21 -10.91 -25.60
CA LYS B 326 2.48 -9.67 -25.43
C LYS B 326 2.48 -9.28 -23.96
N VAL B 327 2.84 -8.02 -23.68
CA VAL B 327 2.82 -7.48 -22.33
C VAL B 327 1.42 -6.95 -22.04
N GLN B 328 0.84 -7.40 -20.94
CA GLN B 328 -0.52 -7.04 -20.58
C GLN B 328 -0.62 -6.79 -19.08
N ASN B 329 -1.50 -5.87 -18.72
CA ASN B 329 -1.82 -5.64 -17.31
C ASN B 329 -2.89 -6.64 -16.88
N LEU B 330 -3.30 -6.55 -15.61
CA LEU B 330 -4.23 -7.54 -15.09
C LEU B 330 -5.58 -7.47 -15.80
N THR B 331 -6.09 -6.28 -16.04
CA THR B 331 -7.40 -6.16 -16.68
C THR B 331 -7.36 -6.67 -18.11
N GLN B 332 -6.31 -6.34 -18.88
CA GLN B 332 -6.21 -6.85 -20.23
C GLN B 332 -6.11 -8.38 -20.24
N PHE B 333 -5.38 -8.96 -19.29
CA PHE B 333 -5.10 -10.40 -19.30
C PHE B 333 -6.26 -11.21 -18.72
N TYR B 334 -7.26 -10.56 -18.17
CA TYR B 334 -8.50 -11.23 -17.77
C TYR B 334 -9.60 -10.74 -18.74
N GLY B 351 -32.39 -13.82 -15.71
CA GLY B 351 -31.91 -13.62 -17.07
C GLY B 351 -31.05 -14.75 -17.58
N PHE B 352 -30.03 -15.11 -16.79
CA PHE B 352 -29.03 -16.08 -17.21
C PHE B 352 -28.82 -17.14 -16.14
N LEU B 353 -28.30 -18.28 -16.60
CA LEU B 353 -28.01 -19.44 -15.75
C LEU B 353 -26.55 -19.82 -15.97
N GLN B 354 -25.71 -19.56 -14.98
CA GLN B 354 -24.29 -19.87 -15.07
C GLN B 354 -24.08 -21.32 -14.64
N TYR B 355 -23.52 -22.14 -15.54
CA TYR B 355 -23.33 -23.56 -15.30
C TYR B 355 -21.85 -23.90 -15.37
N GLN B 356 -21.36 -24.62 -14.36
CA GLN B 356 -19.95 -24.98 -14.34
C GLN B 356 -19.74 -26.39 -13.80
N PHE B 357 -18.90 -27.14 -14.50
CA PHE B 357 -18.59 -28.51 -14.13
C PHE B 357 -17.18 -28.85 -14.60
N VAL B 358 -16.60 -29.85 -13.95
CA VAL B 358 -15.28 -30.35 -14.29
C VAL B 358 -15.38 -31.86 -14.55
N ILE B 359 -14.66 -32.32 -15.56
CA ILE B 359 -14.66 -33.73 -15.97
C ILE B 359 -13.26 -34.28 -15.74
N PRO B 360 -13.10 -35.43 -15.08
CA PRO B 360 -11.75 -35.96 -14.88
C PRO B 360 -11.00 -36.09 -16.19
N THR B 361 -9.68 -35.85 -16.12
CA THR B 361 -8.85 -35.75 -17.30
C THR B 361 -8.97 -36.98 -18.19
N GLU B 362 -8.97 -38.17 -17.60
CA GLU B 362 -8.99 -39.38 -18.39
C GLU B 362 -10.33 -39.61 -19.09
N ALA B 363 -11.38 -38.91 -18.69
CA ALA B 363 -12.70 -39.05 -19.31
C ALA B 363 -12.84 -38.11 -20.50
N VAL B 364 -11.84 -38.09 -21.38
CA VAL B 364 -11.79 -37.10 -22.45
C VAL B 364 -12.93 -37.33 -23.44
N ASP B 365 -13.15 -38.60 -23.83
CA ASP B 365 -14.26 -38.88 -24.74
C ASP B 365 -15.60 -38.43 -24.15
N GLU B 366 -15.83 -38.68 -22.85
CA GLU B 366 -17.06 -38.23 -22.22
C GLU B 366 -17.14 -36.71 -22.23
N PHE B 367 -16.01 -36.02 -22.01
CA PHE B 367 -16.03 -34.55 -22.05
C PHE B 367 -16.53 -34.06 -23.41
N LYS B 368 -15.94 -34.57 -24.49
CA LYS B 368 -16.35 -34.18 -25.84
C LYS B 368 -17.83 -34.43 -26.05
N LYS B 369 -18.36 -35.52 -25.51
CA LYS B 369 -19.76 -35.85 -25.71
C LYS B 369 -20.68 -34.82 -25.05
N ILE B 370 -20.38 -34.47 -23.79
CA ILE B 370 -21.19 -33.45 -23.13
C ILE B 370 -21.15 -32.13 -23.89
N ILE B 371 -19.99 -31.81 -24.47
CA ILE B 371 -19.91 -30.62 -25.31
C ILE B 371 -20.85 -30.76 -26.50
N GLY B 372 -20.74 -31.88 -27.23
CA GLY B 372 -21.69 -32.17 -28.29
C GLY B 372 -23.12 -32.00 -27.83
N VAL B 373 -23.44 -32.51 -26.64
CA VAL B 373 -24.80 -32.41 -26.12
C VAL B 373 -25.20 -30.95 -25.95
N ILE B 374 -24.33 -30.15 -25.33
CA ILE B 374 -24.62 -28.72 -25.14
C ILE B 374 -24.92 -28.06 -26.48
N GLN B 375 -24.06 -28.29 -27.46
CA GLN B 375 -24.22 -27.64 -28.76
C GLN B 375 -25.54 -28.01 -29.40
N ALA B 376 -25.83 -29.33 -29.45
CA ALA B 376 -27.07 -29.80 -30.08
C ALA B 376 -28.31 -29.45 -29.25
N SER B 377 -28.12 -29.05 -27.99
CA SER B 377 -29.27 -28.85 -27.10
C SER B 377 -30.18 -27.71 -27.56
N GLY B 378 -29.66 -26.78 -28.34
CA GLY B 378 -30.40 -25.59 -28.71
C GLY B 378 -30.25 -24.42 -27.76
N HIS B 379 -29.63 -24.64 -26.59
CA HIS B 379 -29.37 -23.56 -25.64
C HIS B 379 -28.02 -22.95 -25.98
N TYR B 380 -28.03 -21.75 -26.56
CA TYR B 380 -26.83 -21.14 -27.07
C TYR B 380 -26.13 -20.35 -25.97
N SER B 381 -24.83 -20.59 -25.81
CA SER B 381 -23.99 -19.89 -24.85
C SER B 381 -22.79 -19.32 -25.57
N PHE B 382 -22.62 -18.00 -25.52
CA PHE B 382 -21.51 -17.32 -26.15
C PHE B 382 -20.30 -17.19 -25.23
N LEU B 383 -20.53 -16.95 -23.93
CA LEU B 383 -19.47 -16.67 -22.97
C LEU B 383 -19.11 -17.97 -22.25
N ASN B 384 -18.08 -18.64 -22.74
CA ASN B 384 -17.71 -19.98 -22.26
C ASN B 384 -16.23 -20.00 -21.95
N VAL B 385 -15.87 -20.31 -20.72
CA VAL B 385 -14.47 -20.42 -20.33
C VAL B 385 -14.12 -21.90 -20.17
N PHE B 386 -12.91 -22.24 -20.58
CA PHE B 386 -12.38 -23.60 -20.59
C PHE B 386 -11.02 -23.55 -19.95
N LYS B 387 -10.75 -24.52 -19.09
CA LYS B 387 -9.51 -24.61 -18.34
C LYS B 387 -9.28 -26.09 -18.03
N LEU B 388 -8.02 -26.49 -18.03
CA LEU B 388 -7.61 -27.80 -17.55
C LEU B 388 -7.06 -27.61 -16.15
N PHE B 389 -7.75 -28.17 -15.16
CA PHE B 389 -7.31 -28.06 -13.78
C PHE B 389 -6.11 -28.98 -13.52
N GLY B 390 -5.31 -28.60 -12.53
CA GLY B 390 -4.24 -29.46 -12.06
C GLY B 390 -4.65 -30.26 -10.84
N PRO B 391 -3.68 -30.71 -10.06
CA PRO B 391 -4.00 -31.56 -8.91
C PRO B 391 -4.97 -30.88 -7.96
N ARG B 392 -5.64 -31.71 -7.17
CA ARG B 392 -6.57 -31.21 -6.17
C ARG B 392 -5.84 -31.03 -4.84
N ASN B 393 -6.54 -30.48 -3.86
CA ASN B 393 -5.98 -30.30 -2.53
C ASN B 393 -6.76 -31.19 -1.58
N GLN B 394 -6.46 -31.10 -0.28
CA GLN B 394 -7.01 -32.06 0.67
C GLN B 394 -8.26 -31.58 1.38
N ALA B 395 -9.00 -30.65 0.79
CA ALA B 395 -10.26 -30.23 1.38
C ALA B 395 -11.36 -31.18 0.94
N PRO B 396 -12.09 -31.82 1.86
CA PRO B 396 -13.14 -32.77 1.45
C PRO B 396 -14.11 -32.21 0.43
N LEU B 397 -14.47 -30.92 0.52
CA LEU B 397 -15.49 -30.36 -0.37
C LEU B 397 -14.92 -29.44 -1.43
N SER B 398 -13.60 -29.33 -1.54
CA SER B 398 -13.01 -28.52 -2.61
C SER B 398 -13.53 -28.98 -3.98
N PHE B 399 -13.88 -28.02 -4.83
CA PHE B 399 -14.49 -28.34 -6.11
C PHE B 399 -13.47 -28.83 -7.13
N PRO B 400 -12.29 -28.19 -7.24
CA PRO B 400 -11.38 -28.56 -8.34
C PRO B 400 -10.82 -29.97 -8.19
N ILE B 401 -10.82 -30.68 -9.31
CA ILE B 401 -10.05 -31.90 -9.53
C ILE B 401 -9.37 -31.80 -10.88
N PRO B 402 -8.26 -32.49 -11.09
CA PRO B 402 -7.59 -32.41 -12.39
C PRO B 402 -8.52 -32.87 -13.50
N GLY B 403 -8.71 -32.02 -14.50
CA GLY B 403 -9.57 -32.38 -15.61
C GLY B 403 -10.21 -31.16 -16.27
N TRP B 404 -11.14 -31.47 -17.17
CA TRP B 404 -11.69 -30.49 -18.11
C TRP B 404 -12.78 -29.68 -17.44
N ASN B 405 -12.47 -28.42 -17.13
CA ASN B 405 -13.41 -27.51 -16.49
C ASN B 405 -13.93 -26.52 -17.52
N ILE B 406 -15.22 -26.24 -17.45
CA ILE B 406 -15.84 -25.31 -18.38
C ILE B 406 -16.97 -24.60 -17.65
N CYS B 407 -17.13 -23.32 -18.00
CA CYS B 407 -18.19 -22.45 -17.52
C CYS B 407 -19.04 -22.06 -18.71
N VAL B 408 -20.36 -22.08 -18.56
CA VAL B 408 -21.25 -21.68 -19.65
C VAL B 408 -22.38 -20.84 -19.08
N ASP B 409 -22.95 -20.00 -19.95
CA ASP B 409 -23.89 -18.96 -19.59
C ASP B 409 -25.13 -19.17 -20.46
N PHE B 410 -26.05 -20.04 -20.01
CA PHE B 410 -27.26 -20.31 -20.79
C PHE B 410 -28.29 -19.22 -20.54
N PRO B 411 -28.81 -18.58 -21.58
CA PRO B 411 -29.90 -17.63 -21.36
C PRO B 411 -31.16 -18.37 -20.90
N ILE B 412 -31.89 -17.76 -19.99
CA ILE B 412 -33.06 -18.40 -19.41
C ILE B 412 -34.18 -18.47 -20.43
N LYS B 413 -34.61 -19.69 -20.76
CA LYS B 413 -35.70 -19.88 -21.71
C LYS B 413 -36.31 -21.24 -21.48
N ASP B 414 -37.51 -21.44 -22.04
CA ASP B 414 -38.27 -22.66 -21.78
C ASP B 414 -37.50 -23.90 -22.21
N GLY B 415 -37.40 -24.84 -21.29
CA GLY B 415 -36.66 -26.07 -21.49
C GLY B 415 -35.35 -26.14 -20.74
N LEU B 416 -34.78 -24.99 -20.39
CA LEU B 416 -33.44 -24.97 -19.82
C LEU B 416 -33.39 -25.76 -18.51
N GLY B 417 -34.36 -25.53 -17.64
CA GLY B 417 -34.37 -26.24 -16.37
C GLY B 417 -34.26 -27.73 -16.53
N LYS B 418 -34.95 -28.30 -17.51
CA LYS B 418 -34.88 -29.74 -17.73
C LYS B 418 -33.63 -30.13 -18.50
N PHE B 419 -33.11 -29.25 -19.34
CA PHE B 419 -31.85 -29.56 -20.00
C PHE B 419 -30.71 -29.65 -18.99
N VAL B 420 -30.67 -28.72 -18.04
CA VAL B 420 -29.62 -28.71 -17.03
C VAL B 420 -29.72 -29.94 -16.14
N SER B 421 -30.93 -30.45 -15.89
CA SER B 421 -31.06 -31.71 -15.16
C SER B 421 -30.37 -32.85 -15.90
N GLU B 422 -30.56 -32.93 -17.22
CA GLU B 422 -29.91 -33.97 -18.00
C GLU B 422 -28.40 -33.78 -18.00
N LEU B 423 -27.95 -32.53 -18.07
CA LEU B 423 -26.51 -32.27 -17.98
C LEU B 423 -25.95 -32.79 -16.66
N ASP B 424 -26.58 -32.40 -15.54
CA ASP B 424 -26.19 -32.90 -14.23
C ASP B 424 -25.96 -34.41 -14.25
N ARG B 425 -26.89 -35.16 -14.84
CA ARG B 425 -26.79 -36.61 -14.81
C ARG B 425 -25.70 -37.14 -15.74
N ARG B 426 -25.37 -36.42 -16.82
CA ARG B 426 -24.20 -36.78 -17.61
C ARG B 426 -22.90 -36.49 -16.85
N VAL B 427 -22.77 -35.28 -16.31
CA VAL B 427 -21.63 -34.94 -15.48
C VAL B 427 -21.47 -35.95 -14.36
N LEU B 428 -22.58 -36.34 -13.73
CA LEU B 428 -22.55 -37.31 -12.65
C LEU B 428 -22.11 -38.69 -13.14
N GLU B 429 -22.72 -39.15 -14.23
CA GLU B 429 -22.36 -40.45 -14.76
C GLU B 429 -20.87 -40.54 -15.04
N PHE B 430 -20.26 -39.45 -15.51
CA PHE B 430 -18.89 -39.49 -16.00
C PHE B 430 -17.86 -39.16 -14.91
N GLY B 431 -18.29 -38.97 -13.67
CA GLY B 431 -17.35 -38.75 -12.58
C GLY B 431 -17.08 -37.29 -12.22
N GLY B 432 -17.76 -36.35 -12.87
CA GLY B 432 -17.52 -34.95 -12.62
C GLY B 432 -18.31 -34.43 -11.44
N ARG B 433 -18.17 -33.12 -11.20
CA ARG B 433 -18.97 -32.48 -10.16
C ARG B 433 -19.34 -31.07 -10.59
N LEU B 434 -20.20 -30.48 -9.79
CA LEU B 434 -20.67 -29.11 -9.94
C LEU B 434 -20.16 -28.26 -8.78
N TYR B 435 -20.16 -26.95 -9.00
CA TYR B 435 -19.59 -25.95 -8.09
C TYR B 435 -20.69 -25.27 -7.28
N THR B 436 -20.52 -25.25 -5.96
CA THR B 436 -21.55 -24.69 -5.09
C THR B 436 -21.65 -23.18 -5.23
N ALA B 437 -20.55 -22.51 -5.59
CA ALA B 437 -20.61 -21.07 -5.78
C ALA B 437 -21.39 -20.70 -7.03
N LYS B 438 -21.62 -21.64 -7.93
CA LYS B 438 -22.40 -21.38 -9.14
C LYS B 438 -23.73 -22.15 -9.18
N ASP B 439 -24.20 -22.69 -8.05
CA ASP B 439 -25.31 -23.63 -8.10
C ASP B 439 -26.27 -23.46 -6.93
N SER B 440 -27.56 -23.61 -7.24
CA SER B 440 -28.61 -23.58 -6.23
C SER B 440 -29.70 -24.61 -6.49
N ARG B 441 -29.52 -25.49 -7.47
CA ARG B 441 -30.60 -26.36 -7.92
C ARG B 441 -30.36 -27.84 -7.67
N THR B 442 -29.12 -28.31 -7.65
CA THR B 442 -28.85 -29.74 -7.56
C THR B 442 -29.35 -30.33 -6.24
N THR B 443 -29.48 -31.66 -6.21
CA THR B 443 -30.06 -32.34 -5.05
C THR B 443 -28.97 -32.88 -4.12
N ALA B 444 -29.38 -33.19 -2.88
CA ALA B 444 -28.46 -33.75 -1.90
C ALA B 444 -27.82 -35.03 -2.43
N GLU B 445 -28.58 -35.87 -3.15
CA GLU B 445 -28.04 -37.15 -3.58
C GLU B 445 -27.03 -36.97 -4.71
N THR B 446 -27.31 -36.05 -5.63
CA THR B 446 -26.33 -35.69 -6.64
C THR B 446 -25.05 -35.17 -6.01
N PHE B 447 -25.17 -34.18 -5.13
CA PHE B 447 -23.99 -33.59 -4.49
C PHE B 447 -23.20 -34.66 -3.73
N HIS B 448 -23.89 -35.46 -2.93
CA HIS B 448 -23.22 -36.50 -2.15
C HIS B 448 -22.50 -37.49 -3.05
N ALA B 449 -23.09 -37.82 -4.20
CA ALA B 449 -22.42 -38.70 -5.16
C ALA B 449 -21.24 -38.00 -5.83
N MET B 450 -21.34 -36.68 -6.00
CA MET B 450 -20.26 -35.92 -6.63
C MET B 450 -19.09 -35.68 -5.69
N TYR B 451 -19.31 -35.67 -4.37
CA TYR B 451 -18.28 -35.40 -3.37
C TYR B 451 -18.20 -36.61 -2.43
N PRO B 452 -17.41 -37.63 -2.77
CA PRO B 452 -17.36 -38.82 -1.90
C PRO B 452 -16.89 -38.54 -0.49
N ARG B 453 -16.00 -37.58 -0.29
CA ARG B 453 -15.53 -37.29 1.05
C ARG B 453 -16.54 -36.51 1.87
N VAL B 454 -17.76 -36.33 1.37
CA VAL B 454 -18.74 -35.51 2.08
C VAL B 454 -18.96 -36.04 3.49
N ASP B 455 -19.14 -37.35 3.63
CA ASP B 455 -19.48 -37.90 4.94
C ASP B 455 -18.34 -37.70 5.92
N GLU B 456 -17.10 -37.95 5.50
CA GLU B 456 -15.95 -37.57 6.31
C GLU B 456 -16.06 -36.12 6.76
N TRP B 457 -16.51 -35.24 5.87
CA TRP B 457 -16.61 -33.81 6.20
C TRP B 457 -17.71 -33.56 7.23
N ILE B 458 -18.88 -34.19 7.04
CA ILE B 458 -19.98 -33.97 7.96
C ILE B 458 -19.63 -34.48 9.34
N SER B 459 -18.74 -35.48 9.45
CA SER B 459 -18.23 -35.87 10.76
C SER B 459 -17.58 -34.67 11.45
N VAL B 460 -16.56 -34.12 10.81
CA VAL B 460 -15.88 -32.94 11.35
C VAL B 460 -16.88 -31.85 11.63
N ARG B 461 -17.84 -31.65 10.72
CA ARG B 461 -18.78 -30.55 10.91
C ARG B 461 -19.60 -30.73 12.18
N ARG B 462 -19.92 -31.96 12.54
CA ARG B 462 -20.78 -32.19 13.69
C ARG B 462 -20.00 -32.20 14.99
N LYS B 463 -18.71 -32.55 14.95
CA LYS B 463 -17.89 -32.36 16.12
C LYS B 463 -17.82 -30.88 16.51
N VAL B 464 -17.69 -29.99 15.52
CA VAL B 464 -17.43 -28.59 15.82
C VAL B 464 -18.70 -27.77 16.01
N ASP B 465 -19.80 -28.13 15.35
CA ASP B 465 -21.07 -27.43 15.51
C ASP B 465 -22.18 -28.46 15.63
N PRO B 466 -22.31 -29.09 16.80
CA PRO B 466 -23.31 -30.17 16.93
C PRO B 466 -24.73 -29.65 16.99
N LEU B 467 -24.93 -28.41 17.44
CA LEU B 467 -26.26 -27.85 17.63
C LEU B 467 -26.77 -27.10 16.41
N ARG B 468 -26.05 -27.15 15.29
CA ARG B 468 -26.49 -26.50 14.06
C ARG B 468 -26.59 -24.98 14.25
N VAL B 469 -25.67 -24.42 15.03
CA VAL B 469 -25.63 -22.97 15.18
C VAL B 469 -25.43 -22.30 13.83
N PHE B 470 -24.62 -22.91 12.97
CA PHE B 470 -24.33 -22.37 11.65
C PHE B 470 -25.11 -23.14 10.60
N ALA B 471 -25.94 -22.44 9.82
CA ALA B 471 -26.81 -23.09 8.86
C ALA B 471 -27.22 -22.11 7.78
N SER B 472 -27.50 -22.64 6.59
CA SER B 472 -27.89 -21.84 5.44
C SER B 472 -28.92 -22.61 4.64
N ASP B 473 -29.48 -21.92 3.63
CA ASP B 473 -30.34 -22.60 2.67
C ASP B 473 -29.58 -23.71 1.97
N MET B 474 -28.33 -23.44 1.55
CA MET B 474 -27.56 -24.47 0.86
C MET B 474 -27.42 -25.71 1.74
N ALA B 475 -27.05 -25.54 3.01
CA ALA B 475 -26.80 -26.68 3.87
C ALA B 475 -28.06 -27.50 4.11
N ARG B 476 -29.23 -26.87 4.05
CA ARG B 476 -30.47 -27.61 4.18
C ARG B 476 -30.78 -28.39 2.91
N ARG B 477 -30.85 -27.68 1.78
CA ARG B 477 -31.00 -28.32 0.49
C ARG B 477 -30.07 -29.52 0.34
N LEU B 478 -28.77 -29.29 0.43
CA LEU B 478 -27.79 -30.35 0.19
C LEU B 478 -27.64 -31.31 1.37
N GLU B 479 -28.35 -31.09 2.47
CA GLU B 479 -28.25 -31.92 3.66
C GLU B 479 -26.80 -32.03 4.13
N LEU B 480 -26.25 -30.89 4.54
CA LEU B 480 -24.89 -30.82 5.04
C LEU B 480 -24.82 -30.53 6.53
N LEU B 481 -25.94 -30.20 7.16
CA LEU B 481 -25.99 -30.07 8.61
C LEU B 481 -25.57 -31.36 9.31
PA FAD C . 20.02 14.16 -0.06
O1A FAD C . 19.81 15.57 -0.39
O2A FAD C . 20.41 13.24 -1.23
O5B FAD C . 21.02 14.08 1.15
C5B FAD C . 20.86 14.95 2.29
C4B FAD C . 21.64 14.46 3.48
O4B FAD C . 21.16 13.16 3.91
C3B FAD C . 23.14 14.29 3.26
O3B FAD C . 23.88 14.69 4.40
C2B FAD C . 23.30 12.79 3.01
O2B FAD C . 24.59 12.32 3.38
C1B FAD C . 22.26 12.27 4.00
N9A FAD C . 21.78 10.92 3.71
C8A FAD C . 20.94 10.53 2.71
N7A FAD C . 20.65 9.25 2.72
C5A FAD C . 21.36 8.77 3.81
C6A FAD C . 21.51 7.48 4.35
N6A FAD C . 20.92 6.38 3.85
N1A FAD C . 22.30 7.34 5.43
C2A FAD C . 22.90 8.42 5.94
N3A FAD C . 22.85 9.69 5.51
C4A FAD C . 22.05 9.78 4.44
N1 FAD C . 13.24 20.07 4.45
C2 FAD C . 12.44 20.19 5.55
O2 FAD C . 12.88 19.89 6.68
N3 FAD C . 11.14 20.64 5.44
C4 FAD C . 10.53 21.04 4.27
O4 FAD C . 9.36 21.44 4.29
C4X FAD C . 11.37 20.90 3.09
N5 FAD C . 10.86 21.24 1.94
C5X FAD C . 11.67 21.10 0.82
C6 FAD C . 11.12 21.47 -0.42
C7 FAD C . 11.89 21.40 -1.58
C7M FAD C . 11.28 21.79 -2.90
C8 FAD C . 13.20 20.93 -1.50
C8M FAD C . 14.07 20.78 -2.73
C9 FAD C . 13.74 20.57 -0.26
C9A FAD C . 12.98 20.64 0.89
N10 FAD C . 13.49 20.30 2.17
C10 FAD C . 12.71 20.42 3.28
C1' FAD C . 14.83 19.72 2.32
C2' FAD C . 14.77 18.17 2.25
O2' FAD C . 13.66 17.63 2.97
C3' FAD C . 16.04 17.59 2.86
O3' FAD C . 17.17 18.21 2.26
C4' FAD C . 16.21 16.07 2.70
O4' FAD C . 17.32 15.63 3.49
C5' FAD C . 16.40 15.59 1.27
O5' FAD C . 16.42 14.15 1.24
P FAD C . 17.20 13.38 0.12
O1P FAD C . 17.06 14.14 -1.19
O2P FAD C . 16.83 11.96 0.17
O3P FAD C . 18.73 13.56 0.65
H51A FAD C . 21.18 15.81 2.05
H52A FAD C . 19.95 15.01 2.51
H4B FAD C . 21.51 15.04 4.20
H3B FAD C . 23.40 14.78 2.50
HO3A FAD C . 24.69 14.74 4.22
H2B FAD C . 23.08 12.57 2.12
HO2A FAD C . 24.97 12.04 2.70
H1B FAD C . 22.62 12.28 4.86
H8A FAD C . 20.59 11.12 2.08
H61A FAD C . 20.38 6.45 3.18
H62A FAD C . 21.08 5.61 4.21
H2A FAD C . 23.43 8.27 6.69
HN3 FAD C . 10.68 20.71 6.18
H6 FAD C . 10.24 21.75 -0.32
HM71 FAD C . 10.42 22.14 -2.76
HM72 FAD C . 11.23 21.03 -3.45
HM73 FAD C . 11.82 22.44 -3.31
HM81 FAD C . 13.56 20.37 -3.41
HM82 FAD C . 14.81 20.26 -2.53
HM83 FAD C . 14.34 21.63 -3.02
H9 FAD C . 14.66 20.63 -0.40
H1'1 FAD C . 15.38 20.04 1.64
H1'2 FAD C . 15.17 19.98 3.16
H2' FAD C . 14.70 17.95 1.34
HO2' FAD C . 12.95 17.90 2.63
H3' FAD C . 16.03 17.77 3.78
HO3' FAD C . 17.07 18.22 1.43
H4' FAD C . 15.41 15.67 3.01
HO4' FAD C . 17.03 15.19 4.14
H5'1 FAD C . 15.70 15.91 0.73
H5'2 FAD C . 17.22 15.92 0.93
C04 EQ8 D . 9.69 25.59 3.96
C05 EQ8 D . 8.88 25.02 2.87
C07 EQ8 D . 8.13 24.29 -0.06
C09 EQ8 D . 6.69 23.72 2.02
C11 EQ8 D . 7.63 24.37 3.18
C12 EQ8 D . 7.22 24.29 4.53
C13 EQ8 D . 8.00 24.84 5.58
C14 EQ8 D . 9.23 25.48 5.30
C15 EQ8 D . 7.47 24.73 7.06
C20 EQ8 D . 7.54 23.70 -2.63
C21 EQ8 D . 7.93 23.83 -4.19
C23 EQ8 D . 9.77 25.27 -3.85
C24 EQ8 D . 9.80 24.99 -2.27
C28 EQ8 D . 7.67 26.39 -7.05
C29 EQ8 D . 9.21 26.62 -7.35
C30 EQ8 D . 9.61 26.61 -8.88
C31 EQ8 D . 8.46 27.05 -9.85
C32 EQ8 D . 7.43 28.00 -9.20
C33 EQ8 D . 6.85 27.51 -7.79
F16 EQ8 D . 8.12 25.55 7.89
F17 EQ8 D . 6.16 25.04 7.18
F18 EQ8 D . 7.59 23.48 7.55
N02 EQ8 D . 11.11 26.32 3.67
N08 EQ8 D . 7.08 23.77 0.51
N19 EQ8 D . 8.50 24.36 -1.61
N22 EQ8 D . 8.48 25.09 -4.51
O03 EQ8 D . 11.62 26.08 2.59
O10 EQ8 D . 5.65 23.19 2.38
O26 EQ8 D . 6.03 25.87 -4.85
O27 EQ8 D . 7.62 27.56 -4.42
S06 EQ8 D . 9.45 25.13 1.06
S25 EQ8 D . 7.37 26.33 -5.10
H121 EQ8 D . 6.42 23.88 4.75
H141 EQ8 D . 9.73 25.83 6.00
H201 EQ8 D . 7.46 22.75 -2.42
H202 EQ8 D . 6.65 24.10 -2.52
H211 EQ8 D . 8.60 23.19 -4.46
H212 EQ8 D . 7.16 23.74 -4.78
H232 EQ8 D . 10.42 24.69 -4.28
H231 EQ8 D . 10.08 26.17 -4.02
H242 EQ8 D . 10.00 25.85 -1.87
H241 EQ8 D . 10.56 24.41 -2.15
H281 EQ8 D . 7.41 25.54 -7.41
H292 EQ8 D . 9.50 27.47 -6.96
H291 EQ8 D . 9.73 25.94 -6.90
H302 EQ8 D . 10.38 27.19 -9.01
H301 EQ8 D . 9.93 25.73 -9.12
H311 EQ8 D . 8.01 26.25 -10.18
H312 EQ8 D . 8.84 27.46 -10.64
H321 EQ8 D . 6.69 28.15 -9.81
H322 EQ8 D . 7.83 28.88 -9.08
H332 EQ8 D . 5.94 27.20 -7.93
H331 EQ8 D . 6.76 28.28 -7.21
PA FAD E . -20.38 -14.84 -0.53
O1A FAD E . -20.85 -14.98 -1.93
O2A FAD E . -21.08 -13.78 0.34
O5B FAD E . -20.50 -16.15 0.29
C5B FAD E . -20.06 -17.42 -0.25
C4B FAD E . -19.74 -18.36 0.88
O4B FAD E . -18.66 -17.85 1.69
C3B FAD E . -20.90 -18.64 1.86
O3B FAD E . -20.95 -20.03 2.16
C2B FAD E . -20.52 -17.85 3.10
O2B FAD E . -21.07 -18.42 4.28
C1B FAD E . -19.00 -17.97 3.06
N9A FAD E . -18.31 -16.96 3.81
C8A FAD E . -18.12 -15.65 3.48
N7A FAD E . -17.43 -14.96 4.36
C5A FAD E . -17.18 -15.89 5.36
C6A FAD E . -16.51 -15.79 6.59
N6A FAD E . -15.97 -14.66 7.05
N1A FAD E . -16.44 -16.91 7.35
C2A FAD E . -17.00 -18.03 6.91
N3A FAD E . -17.66 -18.24 5.76
C4A FAD E . -17.72 -17.12 5.04
N1 FAD E . -15.18 -18.52 -8.35
C2 FAD E . -14.03 -19.19 -8.65
O2 FAD E . -13.63 -20.14 -7.95
N3 FAD E . -13.27 -18.82 -9.74
C4 FAD E . -13.57 -17.79 -10.64
O4 FAD E . -12.83 -17.57 -11.58
C4X FAD E . -14.82 -17.10 -10.32
N5 FAD E . -15.18 -16.12 -11.09
C5X FAD E . -16.36 -15.47 -10.79
C6 FAD E . -16.78 -14.43 -11.63
C7 FAD E . -17.96 -13.73 -11.36
C7M FAD E . -18.38 -12.59 -12.27
C8 FAD E . -18.74 -14.08 -10.26
C8M FAD E . -20.03 -13.37 -9.96
C9 FAD E . -18.33 -15.14 -9.44
C9A FAD E . -17.14 -15.82 -9.69
N10 FAD E . -16.71 -16.90 -8.88
C10 FAD E . -15.54 -17.55 -9.15
C1' FAD E . -17.40 -17.25 -7.65
C2' FAD E . -16.89 -16.40 -6.46
O2' FAD E . -15.46 -16.21 -6.48
C3' FAD E . -17.23 -17.05 -5.11
O3' FAD E . -18.63 -17.23 -5.02
C4' FAD E . -16.74 -16.30 -3.84
O4' FAD E . -16.86 -17.17 -2.71
C5' FAD E . -17.47 -15.00 -3.56
O5' FAD E . -17.05 -14.49 -2.26
P FAD E . -18.01 -13.55 -1.42
O1P FAD E . -18.97 -12.85 -2.38
O2P FAD E . -17.24 -12.58 -0.57
O3P FAD E . -18.82 -14.54 -0.49
H51A FAD E . -19.29 -17.28 -0.77
H52A FAD E . -20.73 -17.79 -0.79
H4B FAD E . -19.46 -19.18 0.53
H3B FAD E . -21.69 -18.32 1.49
HO3A FAD E . -21.58 -20.18 2.68
H2B FAD E . -20.76 -16.94 3.04
HO2A FAD E . -21.41 -17.82 4.75
H1B FAD E . -18.74 -18.82 3.37
H8A FAD E . -18.43 -15.29 2.68
H61A FAD E . -15.97 -13.95 6.56
H62A FAD E . -15.60 -14.64 7.84
H2A FAD E . -16.92 -18.76 7.47
HN3 FAD E . -12.54 -19.25 -9.89
H6 FAD E . -16.18 -14.32 -12.32
HM71 FAD E . -19.09 -12.87 -12.81
HM72 FAD E . -17.65 -12.35 -12.81
HM73 FAD E . -18.65 -11.86 -11.75
HM81 FAD E . -19.87 -12.45 -9.87
HM82 FAD E . -20.65 -13.52 -10.64
HM83 FAD E . -20.39 -13.69 -9.14
H9 FAD E . -19.13 -15.41 -9.03
H1'1 FAD E . -17.25 -18.16 -7.45
H1'2 FAD E . -18.32 -17.11 -7.75
H2' FAD E . -17.32 -15.56 -6.53
HO2' FAD E . -15.25 -15.81 -7.19
H3' FAD E . -16.81 -17.89 -5.10
HO3' FAD E . -18.80 -17.98 -4.70
H4' FAD E . -15.84 -16.08 -3.99
HO4' FAD E . -16.11 -17.46 -2.50
H5'1 FAD E . -17.25 -14.36 -4.22
H5'2 FAD E . -18.40 -15.15 -3.55
C04 EQ8 F . -14.56 -19.43 -14.93
C05 EQ8 F . -14.22 -18.02 -15.13
C07 EQ8 F . -14.77 -15.05 -15.57
C09 EQ8 F . -12.42 -16.05 -15.39
C11 EQ8 F . -12.86 -17.61 -15.19
C12 EQ8 F . -11.86 -18.58 -15.05
C13 EQ8 F . -12.14 -19.93 -14.86
C14 EQ8 F . -13.50 -20.39 -14.79
C15 EQ8 F . -10.94 -20.89 -14.72
C20 EQ8 F . -15.13 -12.49 -15.92
C21 EQ8 F . -16.23 -11.38 -16.21
C23 EQ8 F . -17.89 -12.76 -17.02
C24 EQ8 F . -17.34 -13.81 -15.85
C28 EQ8 F . -15.85 -9.04 -18.43
C29 EQ8 F . -16.46 -7.73 -19.07
C30 EQ8 F . -15.59 -6.42 -18.90
C31 EQ8 F . -14.19 -6.64 -18.23
C32 EQ8 F . -13.44 -7.90 -18.74
C33 EQ8 F . -14.36 -9.17 -18.95
F16 EQ8 F . -10.13 -20.49 -13.77
F17 EQ8 F . -11.29 -22.15 -14.47
F18 EQ8 F . -10.21 -20.91 -15.85
N02 EQ8 F . -16.10 -19.90 -14.85
N08 EQ8 F . -13.47 -14.97 -15.56
N19 EQ8 F . -15.76 -13.88 -15.76
N22 EQ8 F . -16.85 -11.74 -17.44
O03 EQ8 F . -16.83 -19.07 -14.32
O10 EQ8 F . -11.24 -15.78 -15.44
O26 EQ8 F . -16.33 -11.32 -19.97
O27 EQ8 F . -18.29 -10.26 -19.12
S06 EQ8 F . -15.59 -16.75 -15.35
S25 EQ8 F . -16.93 -10.63 -18.86
H121 EQ8 F . -10.97 -18.32 -15.08
H141 EQ8 F . -13.68 -21.29 -14.67
H201 EQ8 F . -14.64 -12.25 -15.10
H202 EQ8 F . -14.48 -12.49 -16.65
H211 EQ8 F . -15.86 -10.48 -16.33
H212 EQ8 F . -16.93 -11.33 -15.54
H232 EQ8 F . -18.68 -12.30 -16.71
H231 EQ8 F . -18.19 -13.26 -17.80
H242 EQ8 F . -17.72 -13.52 -15.00
H241 EQ8 F . -17.72 -14.69 -16.06
H281 EQ8 F . -15.87 -8.92 -17.47
H292 EQ8 F . -16.61 -7.89 -20.02
H291 EQ8 F . -17.35 -7.58 -18.70
H302 EQ8 F . -15.47 -6.01 -19.76
H301 EQ8 F . -16.09 -5.77 -18.38
H311 EQ8 F . -14.30 -6.70 -17.27
H312 EQ8 F . -13.64 -5.85 -18.36
H321 EQ8 F . -12.72 -8.12 -18.14
H322 EQ8 F . -13.00 -7.69 -19.58
H332 EQ8 F . -14.38 -9.39 -19.89
H331 EQ8 F . -13.94 -9.92 -18.51
#